data_5UU6
#
_entry.id   5UU6
#
_cell.length_a   57.004
_cell.length_b   71.609
_cell.length_c   110.450
_cell.angle_alpha   90.00
_cell.angle_beta   93.15
_cell.angle_gamma   90.00
#
_symmetry.space_group_name_H-M   'P 1 21 1'
#
loop_
_entity.id
_entity.type
_entity.pdbx_description
1 polymer 'NADPH-flavin oxidoreductase'
2 non-polymer 'FLAVIN MONONUCLEOTIDE'
3 non-polymer 'CHLORIDE ION'
4 non-polymer GLYCEROL
5 water water
#
_entity_poly.entity_id   1
_entity_poly.type   'polypeptide(L)'
_entity_poly.pdbx_seq_one_letter_code
;SNA(MSE)NSTIQTILGHRSIRKFTSQPIDKEQLETILQAGLAASSSS(MSE)LQVVSIVRVTDIEKRSQLAKFAGNQAY
VESAAEFLVFCIDYQRHASINPDVQADFTEL(MSE)LIGAVDSGI(MSE)AQNCLLAAES(MSE)GLGGVYIGGLRNNAQ
QVDELLGLPQNTAILFG(MSE)CLGHPDQNPEVKPRLPAHVVVHENQYQDLNLDDIQAYDQT(MSE)QNYYANRSSNQKQ
STWSQEVTSKLAGESRPHILPYLNGKGLAKK
;
_entity_poly.pdbx_strand_id   A,B,C,D
#
loop_
_chem_comp.id
_chem_comp.type
_chem_comp.name
_chem_comp.formula
CL non-polymer 'CHLORIDE ION' 'Cl -1'
FMN non-polymer 'FLAVIN MONONUCLEOTIDE' 'C17 H21 N4 O9 P'
GOL non-polymer GLYCEROL 'C3 H8 O3'
#
# COMPACT_ATOMS: atom_id res chain seq x y z
N ALA A 3 -9.40 -34.44 10.50
CA ALA A 3 -9.76 -33.20 9.78
C ALA A 3 -11.28 -33.12 9.55
N MSE A 4 -12.04 -32.88 10.61
CA MSE A 4 -13.51 -32.81 10.52
C MSE A 4 -14.15 -31.86 11.53
O MSE A 4 -14.16 -32.11 12.73
CB MSE A 4 -14.17 -34.18 10.72
CG MSE A 4 -15.69 -34.10 10.74
SE MSE A 4 -16.42 -33.55 8.99
CE MSE A 4 -15.43 -34.88 7.92
N ASN A 5 -14.73 -30.79 11.00
CA ASN A 5 -15.35 -29.77 11.81
C ASN A 5 -16.73 -29.52 11.19
N SER A 6 -17.49 -28.59 11.73
CA SER A 6 -18.87 -28.45 11.24
C SER A 6 -18.94 -27.74 9.88
N THR A 7 -17.89 -27.00 9.51
CA THR A 7 -17.84 -26.45 8.16
C THR A 7 -17.73 -27.55 7.12
N ILE A 8 -16.74 -28.42 7.28
CA ILE A 8 -16.59 -29.61 6.44
C ILE A 8 -17.86 -30.45 6.46
N GLN A 9 -18.42 -30.66 7.64
CA GLN A 9 -19.65 -31.43 7.71
C GLN A 9 -20.76 -30.78 6.89
N THR A 10 -20.89 -29.45 6.96
CA THR A 10 -21.90 -28.77 6.13
C THR A 10 -21.60 -28.93 4.63
N ILE A 11 -20.34 -28.77 4.23
CA ILE A 11 -20.00 -28.84 2.82
C ILE A 11 -20.33 -30.22 2.27
N LEU A 12 -19.88 -31.28 2.94
CA LEU A 12 -20.09 -32.64 2.47
C LEU A 12 -21.54 -33.09 2.59
N GLY A 13 -22.31 -32.51 3.51
CA GLY A 13 -23.71 -32.86 3.68
C GLY A 13 -24.64 -32.10 2.76
N HIS A 14 -24.11 -31.44 1.75
CA HIS A 14 -24.93 -30.61 0.87
C HIS A 14 -25.88 -31.44 0.01
N ARG A 15 -27.14 -31.02 -0.06
CA ARG A 15 -28.14 -31.48 -1.01
C ARG A 15 -28.89 -30.28 -1.52
N SER A 16 -29.19 -30.26 -2.82
CA SER A 16 -30.18 -29.33 -3.33
C SER A 16 -31.54 -29.62 -2.71
N ILE A 17 -32.15 -28.59 -2.14
CA ILE A 17 -33.48 -28.65 -1.53
C ILE A 17 -34.45 -27.96 -2.47
N ARG A 18 -35.52 -28.67 -2.88
CA ARG A 18 -36.48 -28.10 -3.81
C ARG A 18 -37.89 -28.15 -3.25
N LYS A 19 -38.04 -28.32 -1.95
CA LYS A 19 -39.33 -28.37 -1.30
C LYS A 19 -39.15 -27.75 0.06
N PHE A 20 -39.86 -26.65 0.31
CA PHE A 20 -39.68 -25.86 1.52
C PHE A 20 -40.96 -25.82 2.34
N THR A 21 -40.84 -25.72 3.65
CA THR A 21 -41.99 -25.37 4.48
C THR A 21 -42.33 -23.89 4.32
N SER A 22 -43.48 -23.51 4.86
CA SER A 22 -43.95 -22.14 4.87
C SER A 22 -43.20 -21.26 5.87
N GLN A 23 -42.24 -21.80 6.63
CA GLN A 23 -41.65 -20.99 7.68
C GLN A 23 -40.75 -19.94 7.05
N PRO A 24 -40.89 -18.67 7.42
CA PRO A 24 -40.01 -17.66 6.84
C PRO A 24 -38.62 -17.76 7.46
N ILE A 25 -37.68 -17.12 6.79
CA ILE A 25 -36.32 -16.97 7.30
C ILE A 25 -36.26 -15.70 8.14
N ASP A 26 -35.75 -15.82 9.37
CA ASP A 26 -35.63 -14.66 10.27
C ASP A 26 -34.80 -13.56 9.63
N LYS A 27 -35.16 -12.31 9.95
CA LYS A 27 -34.40 -11.16 9.43
C LYS A 27 -32.92 -11.27 9.77
N GLU A 28 -32.61 -11.75 10.98
CA GLU A 28 -31.22 -11.88 11.39
C GLU A 28 -30.49 -12.89 10.54
N GLN A 29 -31.15 -14.02 10.23
CA GLN A 29 -30.50 -15.05 9.42
C GLN A 29 -30.24 -14.57 8.01
N LEU A 30 -31.19 -13.83 7.43
CA LEU A 30 -31.00 -13.33 6.07
C LEU A 30 -29.88 -12.31 6.04
N GLU A 31 -29.82 -11.41 7.03
CA GLU A 31 -28.71 -10.47 7.17
C GLU A 31 -27.36 -11.19 7.20
N THR A 32 -27.27 -12.28 7.97
CA THR A 32 -26.04 -13.05 8.05
C THR A 32 -25.72 -13.76 6.74
N ILE A 33 -26.74 -14.33 6.08
CA ILE A 33 -26.50 -14.99 4.80
C ILE A 33 -25.90 -13.99 3.80
N LEU A 34 -26.47 -12.79 3.70
CA LEU A 34 -25.96 -11.80 2.77
C LEU A 34 -24.57 -11.31 3.19
N GLN A 35 -24.39 -11.08 4.48
CA GLN A 35 -23.07 -10.74 5.02
C GLN A 35 -22.03 -11.77 4.60
N ALA A 36 -22.43 -13.05 4.59
CA ALA A 36 -21.48 -14.11 4.28
C ALA A 36 -21.08 -14.03 2.82
N GLY A 37 -22.06 -13.75 1.96
CA GLY A 37 -21.76 -13.53 0.56
C GLY A 37 -20.77 -12.38 0.35
N LEU A 38 -21.03 -11.24 1.02
CA LEU A 38 -20.14 -10.08 0.91
C LEU A 38 -18.72 -10.37 1.38
N ALA A 39 -18.49 -11.41 2.17
CA ALA A 39 -17.12 -11.70 2.62
C ALA A 39 -16.29 -12.51 1.61
N ALA A 40 -16.83 -12.79 0.44
CA ALA A 40 -16.13 -13.58 -0.56
C ALA A 40 -14.98 -12.79 -1.18
N SER A 41 -13.92 -13.52 -1.58
CA SER A 41 -12.86 -12.95 -2.42
C SER A 41 -13.48 -12.28 -3.64
N SER A 42 -12.78 -11.27 -4.17
CA SER A 42 -13.24 -10.51 -5.33
C SER A 42 -12.05 -10.22 -6.23
N SER A 43 -12.10 -10.62 -7.50
CA SER A 43 -10.97 -10.30 -8.38
C SER A 43 -10.68 -8.80 -8.41
N SER A 44 -9.45 -8.44 -8.06
CA SER A 44 -8.96 -7.07 -8.07
C SER A 44 -9.83 -6.15 -7.24
N MSE A 45 -10.60 -6.71 -6.31
CA MSE A 45 -11.46 -5.91 -5.46
C MSE A 45 -12.47 -5.13 -6.32
O MSE A 45 -13.04 -4.16 -5.86
CB MSE A 45 -10.61 -4.96 -4.58
CG MSE A 45 -11.26 -4.48 -3.29
SE MSE A 45 -11.90 -5.96 -2.18
CE MSE A 45 -12.63 -4.93 -0.69
N LEU A 46 -12.70 -5.59 -7.55
CA LEU A 46 -13.65 -4.90 -8.43
C LEU A 46 -15.06 -4.91 -7.83
N GLN A 47 -15.43 -5.97 -7.10
CA GLN A 47 -16.79 -6.10 -6.55
C GLN A 47 -17.83 -5.97 -7.67
N VAL A 48 -17.90 -7.03 -8.48
CA VAL A 48 -18.65 -6.99 -9.76
C VAL A 48 -20.03 -7.67 -9.64
N VAL A 49 -20.51 -7.94 -8.43
CA VAL A 49 -21.70 -8.78 -8.24
C VAL A 49 -22.80 -7.95 -7.59
N SER A 50 -24.02 -8.08 -8.10
CA SER A 50 -25.20 -7.58 -7.40
C SER A 50 -26.20 -8.70 -7.18
N ILE A 51 -27.02 -8.53 -6.15
CA ILE A 51 -28.07 -9.46 -5.79
C ILE A 51 -29.39 -8.71 -5.80
N VAL A 52 -30.38 -9.19 -6.55
CA VAL A 52 -31.74 -8.67 -6.39
C VAL A 52 -32.52 -9.65 -5.54
N ARG A 53 -32.97 -9.19 -4.39
CA ARG A 53 -33.81 -9.97 -3.50
C ARG A 53 -35.26 -9.73 -3.92
N VAL A 54 -36.01 -10.80 -4.19
CA VAL A 54 -37.34 -10.67 -4.77
C VAL A 54 -38.35 -11.09 -3.73
N THR A 55 -39.06 -10.12 -3.18
CA THR A 55 -40.09 -10.33 -2.18
C THR A 55 -41.50 -10.13 -2.72
N ASP A 56 -41.65 -9.38 -3.81
CA ASP A 56 -42.97 -9.19 -4.41
C ASP A 56 -43.47 -10.51 -4.99
N ILE A 57 -44.68 -10.91 -4.56
CA ILE A 57 -45.16 -12.25 -4.91
C ILE A 57 -45.55 -12.36 -6.39
N GLU A 58 -46.01 -11.28 -7.02
CA GLU A 58 -46.28 -11.35 -8.46
C GLU A 58 -44.99 -11.55 -9.27
N LYS A 59 -43.91 -10.86 -8.90
CA LYS A 59 -42.62 -11.10 -9.57
C LYS A 59 -42.12 -12.51 -9.30
N ARG A 60 -42.29 -12.98 -8.07
CA ARG A 60 -41.96 -14.37 -7.75
C ARG A 60 -42.69 -15.32 -8.69
N SER A 61 -43.98 -15.09 -8.91
CA SER A 61 -44.75 -15.92 -9.83
C SER A 61 -44.17 -15.86 -11.24
N GLN A 62 -43.92 -14.64 -11.73
N GLN A 62 -43.88 -14.65 -11.72
CA GLN A 62 -43.34 -14.47 -13.05
CA GLN A 62 -43.36 -14.49 -13.06
C GLN A 62 -42.01 -15.18 -13.16
C GLN A 62 -41.97 -15.11 -13.19
N LEU A 63 -41.15 -15.02 -12.14
CA LEU A 63 -39.83 -15.63 -12.18
C LEU A 63 -39.94 -17.14 -12.18
N ALA A 64 -40.91 -17.66 -11.43
CA ALA A 64 -41.14 -19.08 -11.44
C ALA A 64 -41.41 -19.55 -12.86
N LYS A 65 -42.29 -18.84 -13.58
CA LYS A 65 -42.60 -19.19 -14.96
C LYS A 65 -41.34 -19.13 -15.83
N PHE A 66 -40.60 -18.01 -15.77
CA PHE A 66 -39.44 -17.79 -16.62
C PHE A 66 -38.31 -18.80 -16.37
N ALA A 67 -38.23 -19.34 -15.16
CA ALA A 67 -37.23 -20.34 -14.80
C ALA A 67 -37.57 -21.71 -15.34
N GLY A 68 -38.70 -21.84 -16.02
CA GLY A 68 -39.13 -23.09 -16.59
C GLY A 68 -40.20 -23.76 -15.75
N ASN A 69 -41.06 -22.97 -15.11
CA ASN A 69 -42.14 -23.47 -14.27
C ASN A 69 -41.60 -24.27 -13.09
N GLN A 70 -40.62 -23.71 -12.39
CA GLN A 70 -40.06 -24.35 -11.23
C GLN A 70 -40.79 -23.77 -10.02
N ALA A 71 -41.68 -24.56 -9.42
CA ALA A 71 -42.60 -24.02 -8.42
C ALA A 71 -41.90 -23.53 -7.17
N TYR A 72 -40.72 -24.08 -6.88
CA TYR A 72 -40.02 -23.72 -5.64
C TYR A 72 -39.44 -22.32 -5.73
N VAL A 73 -39.33 -21.76 -6.93
CA VAL A 73 -38.99 -20.34 -7.01
C VAL A 73 -40.02 -19.53 -6.24
N GLU A 74 -41.30 -19.92 -6.34
CA GLU A 74 -42.40 -19.17 -5.75
C GLU A 74 -42.59 -19.54 -4.28
N SER A 75 -42.38 -20.79 -3.94
CA SER A 75 -42.58 -21.25 -2.58
C SER A 75 -41.37 -21.04 -1.67
N ALA A 76 -40.19 -20.73 -2.19
CA ALA A 76 -39.07 -20.54 -1.26
C ALA A 76 -39.30 -19.33 -0.37
N ALA A 77 -38.75 -19.42 0.84
CA ALA A 77 -38.80 -18.30 1.78
C ALA A 77 -38.15 -17.06 1.18
N GLU A 78 -36.96 -17.22 0.57
CA GLU A 78 -36.30 -16.10 -0.07
C GLU A 78 -35.79 -16.54 -1.43
N PHE A 79 -35.76 -15.57 -2.36
CA PHE A 79 -35.27 -15.80 -3.70
C PHE A 79 -34.32 -14.67 -4.09
N LEU A 80 -33.09 -15.05 -4.39
CA LEU A 80 -32.00 -14.13 -4.65
C LEU A 80 -31.62 -14.31 -6.11
N VAL A 81 -31.43 -13.21 -6.84
CA VAL A 81 -31.00 -13.30 -8.24
C VAL A 81 -29.61 -12.67 -8.33
N PHE A 82 -28.62 -13.47 -8.72
CA PHE A 82 -27.24 -13.00 -8.78
C PHE A 82 -26.96 -12.44 -10.18
N CYS A 83 -26.35 -11.26 -10.24
CA CYS A 83 -26.10 -10.53 -11.46
C CYS A 83 -24.67 -10.05 -11.54
N ILE A 84 -24.10 -10.09 -12.75
CA ILE A 84 -22.90 -9.31 -13.03
C ILE A 84 -23.24 -7.82 -13.00
N ASP A 85 -22.38 -7.02 -12.38
CA ASP A 85 -22.65 -5.59 -12.26
C ASP A 85 -21.38 -4.80 -12.56
N TYR A 86 -21.29 -4.24 -13.76
CA TYR A 86 -20.34 -3.18 -14.09
C TYR A 86 -21.04 -1.82 -14.19
N GLN A 87 -22.30 -1.73 -13.79
CA GLN A 87 -22.99 -0.46 -13.83
C GLN A 87 -22.59 0.44 -12.67
N ARG A 88 -22.33 -0.11 -11.48
CA ARG A 88 -21.78 0.72 -10.40
C ARG A 88 -20.52 1.43 -10.87
N HIS A 89 -19.63 0.68 -11.54
CA HIS A 89 -18.38 1.29 -12.03
C HIS A 89 -18.66 2.36 -13.08
N ALA A 90 -19.55 2.08 -14.04
CA ALA A 90 -19.85 3.06 -15.09
C ALA A 90 -20.58 4.27 -14.52
N SER A 91 -21.33 4.10 -13.42
CA SER A 91 -21.97 5.23 -12.75
C SER A 91 -20.93 6.08 -12.01
N ILE A 92 -19.80 5.47 -11.64
CA ILE A 92 -18.68 6.22 -11.06
C ILE A 92 -17.89 6.92 -12.15
N ASN A 93 -17.52 6.20 -13.18
CA ASN A 93 -16.81 6.81 -14.28
C ASN A 93 -17.32 6.25 -15.60
N PRO A 94 -18.05 7.05 -16.38
CA PRO A 94 -18.58 6.56 -17.66
C PRO A 94 -17.51 6.11 -18.64
N ASP A 95 -16.22 6.39 -18.39
CA ASP A 95 -15.14 5.91 -19.25
C ASP A 95 -14.89 4.40 -19.14
N VAL A 96 -15.49 3.72 -18.17
CA VAL A 96 -15.17 2.32 -17.96
C VAL A 96 -15.50 1.51 -19.22
N GLN A 97 -14.67 0.53 -19.53
CA GLN A 97 -14.86 -0.38 -20.65
C GLN A 97 -15.27 -1.74 -20.07
N ALA A 98 -16.57 -2.05 -20.15
CA ALA A 98 -17.13 -3.22 -19.52
C ALA A 98 -17.45 -4.35 -20.51
N ASP A 99 -17.11 -4.20 -21.78
CA ASP A 99 -17.53 -5.15 -22.81
C ASP A 99 -16.49 -6.22 -23.13
N PHE A 100 -15.41 -6.33 -22.37
CA PHE A 100 -14.45 -7.40 -22.59
C PHE A 100 -14.94 -8.74 -22.04
N THR A 101 -14.69 -9.82 -22.79
CA THR A 101 -15.07 -11.18 -22.32
C THR A 101 -14.43 -11.53 -20.97
N GLU A 102 -13.18 -11.13 -20.77
CA GLU A 102 -12.46 -11.21 -19.49
C GLU A 102 -13.36 -10.80 -18.32
N LEU A 103 -14.17 -9.76 -18.52
CA LEU A 103 -14.97 -9.25 -17.40
C LEU A 103 -16.25 -10.04 -17.16
N MSE A 104 -16.80 -10.67 -18.18
CA MSE A 104 -17.92 -11.55 -17.97
C MSE A 104 -17.38 -12.77 -17.22
O MSE A 104 -18.01 -13.29 -16.32
CB MSE A 104 -18.58 -11.94 -19.29
CG MSE A 104 -19.85 -12.73 -19.06
SE MSE A 104 -19.37 -14.65 -19.09
CE MSE A 104 -19.67 -14.69 -21.03
N LEU A 105 -16.20 -13.21 -17.61
CA LEU A 105 -15.56 -14.33 -16.94
C LEU A 105 -15.37 -14.03 -15.44
N ILE A 106 -14.77 -12.89 -15.10
CA ILE A 106 -14.65 -12.43 -13.70
C ILE A 106 -16.00 -12.34 -13.02
N GLY A 107 -16.98 -11.71 -13.68
CA GLY A 107 -18.32 -11.62 -13.10
C GLY A 107 -18.90 -12.98 -12.77
N ALA A 108 -18.69 -13.96 -13.66
CA ALA A 108 -19.30 -15.27 -13.44
C ALA A 108 -18.61 -16.01 -12.32
N VAL A 109 -17.27 -16.05 -12.33
CA VAL A 109 -16.54 -16.73 -11.25
C VAL A 109 -16.89 -16.10 -9.91
N ASP A 110 -16.78 -14.76 -9.82
CA ASP A 110 -17.03 -14.05 -8.56
C ASP A 110 -18.46 -14.25 -8.08
N SER A 111 -19.42 -14.36 -8.99
CA SER A 111 -20.81 -14.65 -8.58
C SER A 111 -20.93 -16.05 -7.97
N GLY A 112 -20.28 -17.04 -8.58
CA GLY A 112 -20.32 -18.38 -7.98
C GLY A 112 -19.67 -18.43 -6.61
N ILE A 113 -18.53 -17.73 -6.44
CA ILE A 113 -17.88 -17.65 -5.13
C ILE A 113 -18.81 -17.04 -4.10
N MSE A 114 -19.37 -15.87 -4.41
CA MSE A 114 -20.31 -15.22 -3.47
C MSE A 114 -21.59 -16.04 -3.14
O MSE A 114 -22.04 -16.12 -1.98
CB MSE A 114 -20.72 -13.86 -4.05
CG MSE A 114 -21.63 -13.12 -3.07
SE MSE A 114 -22.12 -11.32 -3.64
CE MSE A 114 -20.40 -10.54 -3.39
N ALA A 115 -22.22 -16.57 -4.19
CA ALA A 115 -23.40 -17.41 -4.01
C ALA A 115 -23.11 -18.59 -3.10
N GLN A 116 -21.94 -19.21 -3.29
CA GLN A 116 -21.66 -20.41 -2.49
C GLN A 116 -21.42 -20.03 -1.03
N ASN A 117 -20.85 -18.84 -0.77
CA ASN A 117 -20.80 -18.36 0.59
C ASN A 117 -22.19 -18.22 1.17
N CYS A 118 -23.11 -17.60 0.41
CA CYS A 118 -24.48 -17.45 0.90
C CYS A 118 -25.09 -18.81 1.19
N LEU A 119 -24.98 -19.74 0.25
CA LEU A 119 -25.64 -21.03 0.41
C LEU A 119 -25.05 -21.82 1.57
N LEU A 120 -23.72 -21.90 1.67
CA LEU A 120 -23.12 -22.60 2.80
C LEU A 120 -23.52 -21.96 4.12
N ALA A 121 -23.55 -20.63 4.16
CA ALA A 121 -23.98 -19.97 5.38
C ALA A 121 -25.40 -20.43 5.73
N ALA A 122 -26.30 -20.41 4.75
CA ALA A 122 -27.66 -20.86 4.99
C ALA A 122 -27.67 -22.31 5.47
N GLU A 123 -26.95 -23.19 4.76
CA GLU A 123 -26.98 -24.61 5.13
C GLU A 123 -26.41 -24.83 6.52
N SER A 124 -25.46 -24.00 6.94
CA SER A 124 -24.89 -24.18 8.26
C SER A 124 -25.93 -23.91 9.36
N MSE A 125 -26.96 -23.12 9.06
CA MSE A 125 -28.06 -22.78 9.98
C MSE A 125 -29.20 -23.78 9.94
O MSE A 125 -30.23 -23.59 10.59
CB MSE A 125 -28.61 -21.38 9.67
CG MSE A 125 -27.58 -20.28 9.92
SE MSE A 125 -28.06 -18.52 9.17
CE MSE A 125 -27.65 -17.60 10.80
N GLY A 126 -29.05 -24.86 9.17
CA GLY A 126 -30.15 -25.77 8.98
C GLY A 126 -31.13 -25.36 7.89
N LEU A 127 -30.86 -24.30 7.13
CA LEU A 127 -31.67 -24.02 5.97
C LEU A 127 -31.18 -24.88 4.82
N GLY A 128 -31.92 -24.84 3.72
CA GLY A 128 -31.49 -25.48 2.51
C GLY A 128 -31.80 -24.59 1.31
N GLY A 129 -31.24 -24.97 0.17
CA GLY A 129 -31.60 -24.23 -1.02
C GLY A 129 -31.10 -24.92 -2.28
N VAL A 130 -31.28 -24.22 -3.39
CA VAL A 130 -30.90 -24.73 -4.71
C VAL A 130 -30.60 -23.53 -5.60
N TYR A 131 -29.56 -23.65 -6.42
CA TYR A 131 -29.32 -22.69 -7.50
C TYR A 131 -30.40 -22.82 -8.58
N ILE A 132 -30.77 -21.70 -9.20
CA ILE A 132 -31.74 -21.70 -10.31
C ILE A 132 -31.08 -21.04 -11.52
N GLY A 133 -30.38 -21.84 -12.30
CA GLY A 133 -29.86 -21.33 -13.57
C GLY A 133 -30.94 -21.28 -14.63
N GLY A 134 -32.10 -21.81 -14.30
CA GLY A 134 -33.21 -21.89 -15.25
C GLY A 134 -33.71 -20.52 -15.68
N LEU A 135 -33.47 -19.50 -14.86
CA LEU A 135 -33.76 -18.11 -15.23
C LEU A 135 -33.19 -17.73 -16.58
N ARG A 136 -32.01 -18.26 -16.92
CA ARG A 136 -31.39 -18.01 -18.23
C ARG A 136 -32.18 -18.57 -19.40
N ASN A 137 -33.18 -19.45 -19.19
CA ASN A 137 -34.07 -19.82 -20.30
C ASN A 137 -34.68 -18.59 -20.95
N ASN A 138 -35.00 -17.60 -20.13
CA ASN A 138 -35.70 -16.39 -20.54
C ASN A 138 -34.96 -15.16 -20.02
N ALA A 139 -33.64 -15.13 -20.23
CA ALA A 139 -32.79 -14.11 -19.60
C ALA A 139 -33.29 -12.71 -19.88
N GLN A 140 -33.60 -12.41 -21.14
CA GLN A 140 -34.04 -11.05 -21.47
C GLN A 140 -35.30 -10.64 -20.70
N GLN A 141 -36.30 -11.52 -20.63
N GLN A 141 -36.30 -11.52 -20.62
CA GLN A 141 -37.54 -11.18 -19.92
CA GLN A 141 -37.53 -11.14 -19.91
C GLN A 141 -37.31 -11.05 -18.42
C GLN A 141 -37.30 -11.02 -18.41
N VAL A 142 -36.41 -11.86 -17.86
CA VAL A 142 -36.06 -11.74 -16.44
C VAL A 142 -35.36 -10.40 -16.18
N ASP A 143 -34.40 -10.08 -17.03
CA ASP A 143 -33.70 -8.80 -17.02
C ASP A 143 -34.68 -7.62 -17.02
N GLU A 144 -35.66 -7.63 -17.94
CA GLU A 144 -36.60 -6.52 -17.99
C GLU A 144 -37.46 -6.50 -16.72
N LEU A 145 -37.82 -7.67 -16.20
CA LEU A 145 -38.67 -7.72 -15.02
C LEU A 145 -37.97 -7.11 -13.80
N LEU A 146 -36.65 -7.27 -13.69
CA LEU A 146 -35.92 -6.76 -12.53
C LEU A 146 -35.36 -5.36 -12.76
N GLY A 147 -35.66 -4.76 -13.92
CA GLY A 147 -35.22 -3.40 -14.23
C GLY A 147 -33.72 -3.23 -14.31
N LEU A 148 -32.98 -4.23 -14.88
CA LEU A 148 -31.53 -4.09 -14.86
C LEU A 148 -31.08 -3.07 -15.91
N PRO A 149 -30.12 -2.19 -15.56
CA PRO A 149 -29.54 -1.27 -16.54
C PRO A 149 -28.52 -1.97 -17.45
N GLN A 150 -28.00 -1.20 -18.37
CA GLN A 150 -26.84 -1.62 -19.15
C GLN A 150 -25.67 -1.94 -18.23
N ASN A 151 -24.77 -2.81 -18.70
CA ASN A 151 -23.58 -3.26 -17.98
C ASN A 151 -23.91 -4.19 -16.81
N THR A 152 -25.12 -4.73 -16.75
CA THR A 152 -25.49 -5.75 -15.77
C THR A 152 -26.20 -6.88 -16.52
N ALA A 153 -26.19 -8.08 -15.94
CA ALA A 153 -26.81 -9.24 -16.57
C ALA A 153 -27.12 -10.30 -15.51
N ILE A 154 -28.30 -10.93 -15.58
CA ILE A 154 -28.57 -12.02 -14.62
C ILE A 154 -27.71 -13.21 -15.00
N LEU A 155 -27.33 -13.99 -14.00
CA LEU A 155 -26.62 -15.25 -14.17
C LEU A 155 -27.40 -16.42 -13.62
N PHE A 156 -27.87 -16.34 -12.36
CA PHE A 156 -28.68 -17.45 -11.82
C PHE A 156 -29.40 -16.94 -10.57
N GLY A 157 -30.40 -17.70 -10.16
CA GLY A 157 -31.09 -17.42 -8.93
C GLY A 157 -30.72 -18.44 -7.87
N MSE A 158 -31.33 -18.25 -6.72
CA MSE A 158 -31.04 -19.08 -5.57
C MSE A 158 -32.27 -19.09 -4.67
O MSE A 158 -32.70 -18.03 -4.22
CB MSE A 158 -29.85 -18.58 -4.82
CG MSE A 158 -29.64 -19.44 -3.58
SE MSE A 158 -27.93 -19.23 -2.68
CE MSE A 158 -28.05 -17.40 -2.19
N CYS A 159 -32.86 -20.27 -4.44
CA CYS A 159 -33.93 -20.41 -3.45
C CYS A 159 -33.32 -20.76 -2.11
N LEU A 160 -33.92 -20.22 -1.05
CA LEU A 160 -33.57 -20.56 0.32
C LEU A 160 -34.83 -20.70 1.15
N GLY A 161 -34.78 -21.61 2.12
CA GLY A 161 -35.91 -21.81 3.00
C GLY A 161 -35.63 -22.92 3.97
N HIS A 162 -36.63 -23.17 4.82
CA HIS A 162 -36.59 -24.32 5.70
C HIS A 162 -36.95 -25.57 4.91
N PRO A 163 -36.11 -26.59 4.89
CA PRO A 163 -36.36 -27.74 4.02
C PRO A 163 -37.57 -28.51 4.44
N ASP A 164 -38.24 -29.10 3.44
CA ASP A 164 -39.37 -30.00 3.66
C ASP A 164 -39.15 -31.33 2.94
N GLN A 165 -37.92 -31.63 2.55
CA GLN A 165 -37.52 -32.92 2.02
C GLN A 165 -36.11 -33.18 2.52
N ASN A 166 -35.67 -34.44 2.45
CA ASN A 166 -34.26 -34.77 2.70
C ASN A 166 -33.77 -35.82 1.72
N PRO A 167 -33.35 -35.39 0.55
CA PRO A 167 -32.70 -36.29 -0.40
C PRO A 167 -31.38 -36.81 0.11
N GLU A 168 -30.98 -37.94 -0.44
CA GLU A 168 -29.66 -38.48 -0.18
C GLU A 168 -28.64 -37.65 -0.92
N VAL A 169 -27.42 -37.62 -0.40
CA VAL A 169 -26.33 -36.89 -1.05
C VAL A 169 -25.98 -37.58 -2.35
N LYS A 170 -25.94 -36.79 -3.40
CA LYS A 170 -25.77 -37.35 -4.74
C LYS A 170 -24.28 -37.45 -5.07
N PRO A 171 -23.79 -38.59 -5.56
CA PRO A 171 -22.35 -38.75 -5.79
C PRO A 171 -21.88 -38.06 -7.06
N ARG A 172 -20.61 -37.68 -7.05
CA ARG A 172 -19.95 -37.00 -8.16
C ARG A 172 -18.93 -37.93 -8.78
N LEU A 173 -18.43 -37.55 -9.96
CA LEU A 173 -17.26 -38.23 -10.48
C LEU A 173 -16.17 -38.32 -9.39
N PRO A 174 -15.43 -39.42 -9.33
CA PRO A 174 -14.35 -39.52 -8.32
C PRO A 174 -13.26 -38.48 -8.51
N ALA A 175 -12.58 -38.16 -7.40
CA ALA A 175 -11.45 -37.21 -7.44
C ALA A 175 -10.39 -37.64 -8.46
N HIS A 176 -10.15 -38.94 -8.59
CA HIS A 176 -9.08 -39.32 -9.51
C HIS A 176 -9.47 -39.07 -10.97
N VAL A 177 -10.75 -38.82 -11.25
CA VAL A 177 -11.16 -38.38 -12.59
C VAL A 177 -11.10 -36.86 -12.71
N VAL A 178 -11.51 -36.14 -11.67
CA VAL A 178 -11.68 -34.69 -11.76
C VAL A 178 -10.37 -33.95 -11.46
N VAL A 179 -9.51 -34.51 -10.61
CA VAL A 179 -8.24 -33.89 -10.23
C VAL A 179 -7.08 -34.54 -10.98
N HIS A 180 -6.27 -33.74 -11.66
CA HIS A 180 -5.16 -34.26 -12.44
C HIS A 180 -3.88 -33.77 -11.81
N GLU A 181 -2.87 -34.63 -11.77
CA GLU A 181 -1.56 -34.28 -11.20
C GLU A 181 -0.66 -33.70 -12.30
N ASN A 182 -0.36 -32.41 -12.19
CA ASN A 182 0.67 -31.76 -12.99
C ASN A 182 0.33 -31.60 -14.47
N GLN A 183 -0.44 -32.47 -15.05
CA GLN A 183 -0.85 -32.34 -16.42
C GLN A 183 -2.17 -33.04 -16.65
N TYR A 184 -2.89 -32.58 -17.63
CA TYR A 184 -4.20 -33.13 -17.89
C TYR A 184 -4.09 -34.60 -18.25
N GLN A 185 -5.03 -35.41 -17.74
CA GLN A 185 -5.03 -36.84 -18.00
C GLN A 185 -6.22 -37.21 -18.88
N ASP A 186 -5.97 -38.11 -19.80
CA ASP A 186 -7.01 -38.67 -20.65
C ASP A 186 -8.09 -39.36 -19.84
N LEU A 187 -9.32 -39.26 -20.33
CA LEU A 187 -10.44 -39.94 -19.68
C LEU A 187 -10.41 -41.45 -19.99
N ASN A 188 -10.53 -42.25 -18.95
CA ASN A 188 -10.72 -43.69 -19.09
C ASN A 188 -12.23 -43.95 -19.10
N LEU A 189 -12.75 -44.39 -20.24
CA LEU A 189 -14.19 -44.55 -20.36
C LEU A 189 -14.75 -45.57 -19.38
N ASP A 190 -13.91 -46.43 -18.79
CA ASP A 190 -14.42 -47.33 -17.77
C ASP A 190 -14.71 -46.61 -16.46
N ASP A 191 -14.06 -45.47 -16.21
CA ASP A 191 -14.45 -44.65 -15.05
C ASP A 191 -15.84 -44.06 -15.26
N ILE A 192 -16.18 -43.73 -16.50
CA ILE A 192 -17.52 -43.29 -16.82
C ILE A 192 -18.52 -44.43 -16.68
N GLN A 193 -18.14 -45.64 -17.14
CA GLN A 193 -19.03 -46.78 -17.00
C GLN A 193 -19.31 -47.07 -15.52
N ALA A 194 -18.26 -47.05 -14.70
CA ALA A 194 -18.44 -47.26 -13.27
C ALA A 194 -19.39 -46.23 -12.68
N TYR A 195 -19.15 -44.96 -13.00
CA TYR A 195 -19.94 -43.87 -12.42
C TYR A 195 -21.37 -43.90 -12.95
N ASP A 196 -21.55 -44.28 -14.22
CA ASP A 196 -22.90 -44.46 -14.76
C ASP A 196 -23.69 -45.46 -13.92
N GLN A 197 -23.05 -46.55 -13.47
CA GLN A 197 -23.74 -47.52 -12.61
C GLN A 197 -23.98 -46.96 -11.21
N THR A 198 -23.03 -46.16 -10.72
CA THR A 198 -23.19 -45.53 -9.40
C THR A 198 -24.40 -44.60 -9.36
N MSE A 199 -24.70 -43.93 -10.45
CA MSE A 199 -25.82 -43.03 -10.51
C MSE A 199 -27.13 -43.76 -10.77
O MSE A 199 -28.18 -43.34 -10.28
CB MSE A 199 -25.56 -41.98 -11.57
CG MSE A 199 -24.46 -41.02 -11.18
SE MSE A 199 -24.87 -40.06 -9.52
CE MSE A 199 -26.55 -39.29 -10.12
N GLN A 200 -27.08 -44.85 -11.55
CA GLN A 200 -28.30 -45.60 -11.80
C GLN A 200 -28.81 -46.24 -10.51
N ASN A 201 -27.89 -46.72 -9.67
CA ASN A 201 -28.26 -47.19 -8.35
C ASN A 201 -28.91 -46.08 -7.54
N TYR A 202 -28.32 -44.87 -7.59
CA TYR A 202 -28.80 -43.74 -6.78
C TYR A 202 -30.26 -43.41 -7.04
N TYR A 203 -30.77 -43.71 -8.25
CA TYR A 203 -32.10 -43.28 -8.67
C TYR A 203 -33.15 -44.38 -8.53
N ALA A 204 -32.90 -45.54 -9.14
CA ALA A 204 -33.91 -46.59 -9.22
C ALA A 204 -34.00 -47.39 -7.91
N SER A 213 -31.59 -43.99 -20.41
CA SER A 213 -30.52 -43.01 -20.27
C SER A 213 -29.67 -43.17 -19.00
N THR A 214 -28.38 -43.33 -19.19
CA THR A 214 -27.44 -43.21 -18.11
C THR A 214 -27.08 -41.74 -17.89
N TRP A 215 -26.28 -41.48 -16.85
CA TRP A 215 -25.78 -40.13 -16.64
C TRP A 215 -25.03 -39.64 -17.88
N SER A 216 -24.12 -40.46 -18.40
CA SER A 216 -23.27 -40.00 -19.49
C SER A 216 -24.07 -39.77 -20.76
N GLN A 217 -25.10 -40.59 -21.00
CA GLN A 217 -25.97 -40.38 -22.14
C GLN A 217 -26.80 -39.11 -21.95
N GLU A 218 -27.27 -38.85 -20.74
CA GLU A 218 -28.12 -37.68 -20.53
C GLU A 218 -27.32 -36.39 -20.68
N VAL A 219 -26.12 -36.32 -20.08
CA VAL A 219 -25.37 -35.06 -20.13
C VAL A 219 -24.88 -34.80 -21.55
N THR A 220 -24.38 -35.84 -22.23
CA THR A 220 -23.87 -35.64 -23.59
C THR A 220 -25.01 -35.33 -24.56
N SER A 221 -26.15 -36.01 -24.44
CA SER A 221 -27.21 -35.74 -25.38
C SER A 221 -27.76 -34.33 -25.18
N LYS A 222 -27.75 -33.85 -23.93
CA LYS A 222 -28.03 -32.45 -23.68
C LYS A 222 -27.01 -31.55 -24.39
N LEU A 223 -25.72 -31.87 -24.24
CA LEU A 223 -24.70 -31.04 -24.86
C LEU A 223 -24.60 -31.28 -26.36
N ALA A 224 -25.25 -32.33 -26.88
CA ALA A 224 -25.30 -32.53 -28.32
C ALA A 224 -26.18 -31.50 -29.00
N GLY A 225 -27.15 -30.92 -28.29
CA GLY A 225 -27.97 -29.85 -28.82
C GLY A 225 -27.28 -28.51 -28.72
N GLU A 226 -28.06 -27.45 -28.96
CA GLU A 226 -27.59 -26.10 -28.69
C GLU A 226 -27.91 -25.76 -27.26
N SER A 227 -26.92 -25.22 -26.55
CA SER A 227 -27.08 -24.78 -25.17
C SER A 227 -27.40 -23.28 -25.15
N ARG A 228 -28.65 -22.95 -24.82
CA ARG A 228 -29.19 -21.59 -24.66
C ARG A 228 -28.51 -20.64 -25.62
N PRO A 229 -28.77 -20.80 -26.93
CA PRO A 229 -28.02 -20.04 -27.93
C PRO A 229 -28.33 -18.56 -27.92
N HIS A 230 -29.40 -18.14 -27.25
CA HIS A 230 -29.71 -16.73 -27.09
C HIS A 230 -28.80 -16.00 -26.09
N ILE A 231 -27.87 -16.69 -25.41
CA ILE A 231 -27.23 -16.06 -24.25
C ILE A 231 -26.16 -15.05 -24.68
N LEU A 232 -25.37 -15.35 -25.71
CA LEU A 232 -24.45 -14.31 -26.20
C LEU A 232 -25.19 -13.06 -26.66
N PRO A 233 -26.23 -13.13 -27.52
CA PRO A 233 -27.01 -11.89 -27.79
C PRO A 233 -27.56 -11.24 -26.53
N TYR A 234 -28.03 -12.01 -25.54
CA TYR A 234 -28.49 -11.43 -24.29
C TYR A 234 -27.40 -10.55 -23.68
N LEU A 235 -26.22 -11.14 -23.45
CA LEU A 235 -25.08 -10.43 -22.85
C LEU A 235 -24.69 -9.23 -23.70
N ASN A 236 -24.57 -9.43 -25.03
CA ASN A 236 -24.18 -8.32 -25.88
C ASN A 236 -25.18 -7.19 -25.81
N GLY A 237 -26.48 -7.50 -25.75
CA GLY A 237 -27.49 -6.45 -25.60
C GLY A 237 -27.37 -5.65 -24.31
N LYS A 238 -26.73 -6.18 -23.28
CA LYS A 238 -26.50 -5.43 -22.05
C LYS A 238 -25.12 -4.74 -22.05
N GLY A 239 -24.38 -4.80 -23.15
CA GLY A 239 -23.05 -4.21 -23.23
C GLY A 239 -21.90 -5.11 -22.82
N LEU A 240 -22.12 -6.40 -22.60
CA LEU A 240 -21.09 -7.27 -22.06
C LEU A 240 -20.64 -8.30 -23.09
N ALA A 241 -19.40 -8.76 -22.94
CA ALA A 241 -18.88 -9.92 -23.66
C ALA A 241 -18.88 -9.71 -25.17
N LYS A 242 -18.58 -8.47 -25.61
CA LYS A 242 -18.63 -8.14 -27.04
C LYS A 242 -17.29 -8.26 -27.73
N LYS A 243 -16.22 -8.62 -27.01
CA LYS A 243 -14.90 -8.75 -27.61
C LYS A 243 -13.88 -9.46 -26.68
N MSE B 4 -24.28 -17.81 16.60
CA MSE B 4 -23.19 -17.98 15.64
C MSE B 4 -23.18 -19.39 15.04
O MSE B 4 -24.19 -20.10 15.07
CB MSE B 4 -21.84 -17.71 16.32
CG MSE B 4 -21.19 -16.37 15.96
SE MSE B 4 -20.98 -16.08 14.03
CE MSE B 4 -19.59 -14.69 14.05
N ASN B 5 -22.03 -19.73 14.45
CA ASN B 5 -21.52 -21.09 14.31
C ASN B 5 -20.18 -20.98 13.61
N SER B 6 -19.40 -22.06 13.66
CA SER B 6 -18.04 -21.97 13.14
C SER B 6 -17.99 -21.82 11.62
N THR B 7 -19.01 -22.25 10.86
CA THR B 7 -18.95 -21.97 9.42
C THR B 7 -19.06 -20.48 9.14
N ILE B 8 -19.94 -19.80 9.86
CA ILE B 8 -20.11 -18.38 9.62
C ILE B 8 -18.86 -17.62 10.03
N GLN B 9 -18.35 -17.88 11.23
CA GLN B 9 -17.10 -17.20 11.58
C GLN B 9 -15.98 -17.57 10.63
N THR B 10 -15.97 -18.78 10.07
CA THR B 10 -14.95 -19.06 9.05
C THR B 10 -15.13 -18.15 7.84
N ILE B 11 -16.37 -18.09 7.31
CA ILE B 11 -16.67 -17.22 6.17
C ILE B 11 -16.34 -15.76 6.49
N LEU B 12 -16.79 -15.27 7.65
CA LEU B 12 -16.62 -13.85 7.91
C LEU B 12 -15.19 -13.48 8.23
N GLY B 13 -14.37 -14.45 8.66
CA GLY B 13 -13.01 -14.14 8.98
C GLY B 13 -12.09 -14.31 7.77
N HIS B 14 -12.66 -14.38 6.56
CA HIS B 14 -11.81 -14.58 5.39
C HIS B 14 -10.84 -13.41 5.14
N ARG B 15 -9.56 -13.75 4.91
CA ARG B 15 -8.59 -12.87 4.27
C ARG B 15 -7.76 -13.65 3.24
N SER B 16 -7.41 -13.03 2.11
CA SER B 16 -6.40 -13.64 1.25
C SER B 16 -5.06 -13.79 2.01
N ILE B 17 -4.46 -14.97 1.95
CA ILE B 17 -3.13 -15.20 2.51
C ILE B 17 -2.14 -15.38 1.37
N ARG B 18 -1.06 -14.58 1.40
CA ARG B 18 -0.06 -14.58 0.34
C ARG B 18 1.34 -14.81 0.90
N LYS B 19 1.47 -15.31 2.12
CA LYS B 19 2.79 -15.67 2.66
C LYS B 19 2.59 -16.92 3.51
N PHE B 20 3.34 -17.98 3.19
CA PHE B 20 3.16 -19.31 3.74
C PHE B 20 4.41 -19.77 4.49
N THR B 21 4.24 -20.63 5.50
CA THR B 21 5.41 -21.31 6.02
C THR B 21 5.80 -22.44 5.06
N SER B 22 6.90 -23.13 5.34
CA SER B 22 7.35 -24.25 4.52
C SER B 22 6.69 -25.57 4.93
N GLN B 23 5.76 -25.55 5.87
CA GLN B 23 5.11 -26.78 6.26
C GLN B 23 4.14 -27.26 5.18
N PRO B 24 4.20 -28.53 4.78
CA PRO B 24 3.26 -29.05 3.79
C PRO B 24 1.88 -29.24 4.39
N ILE B 25 0.93 -29.42 3.50
CA ILE B 25 -0.42 -29.80 3.91
C ILE B 25 -0.46 -31.31 3.97
N ASP B 26 -0.92 -31.86 5.10
CA ASP B 26 -1.08 -33.31 5.26
C ASP B 26 -1.86 -33.92 4.11
N LYS B 27 -1.50 -35.16 3.78
CA LYS B 27 -2.23 -35.88 2.72
C LYS B 27 -3.72 -35.97 3.02
N GLU B 28 -4.09 -36.12 4.30
CA GLU B 28 -5.50 -36.25 4.66
C GLU B 28 -6.24 -34.92 4.57
N GLN B 29 -5.60 -33.82 4.94
CA GLN B 29 -6.23 -32.51 4.77
C GLN B 29 -6.47 -32.21 3.29
N LEU B 30 -5.47 -32.48 2.44
CA LEU B 30 -5.67 -32.19 1.02
C LEU B 30 -6.79 -33.06 0.43
N GLU B 31 -6.84 -34.35 0.78
CA GLU B 31 -7.95 -35.20 0.34
C GLU B 31 -9.31 -34.60 0.73
N THR B 32 -9.42 -34.11 1.97
CA THR B 32 -10.66 -33.47 2.41
C THR B 32 -10.96 -32.21 1.62
N ILE B 33 -9.96 -31.34 1.43
CA ILE B 33 -10.17 -30.11 0.67
C ILE B 33 -10.75 -30.42 -0.70
N LEU B 34 -10.15 -31.39 -1.39
CA LEU B 34 -10.66 -31.74 -2.73
C LEU B 34 -12.05 -32.39 -2.65
N GLN B 35 -12.30 -33.20 -1.62
N GLN B 35 -12.32 -33.19 -1.62
CA GLN B 35 -13.63 -33.76 -1.40
CA GLN B 35 -13.66 -33.75 -1.45
C GLN B 35 -14.67 -32.66 -1.21
C GLN B 35 -14.69 -32.65 -1.24
N ALA B 36 -14.31 -31.61 -0.48
CA ALA B 36 -15.20 -30.44 -0.34
C ALA B 36 -15.51 -29.81 -1.70
N GLY B 37 -14.48 -29.60 -2.51
CA GLY B 37 -14.71 -29.10 -3.85
C GLY B 37 -15.73 -29.94 -4.60
N LEU B 38 -15.57 -31.25 -4.57
CA LEU B 38 -16.40 -32.14 -5.36
C LEU B 38 -17.85 -32.17 -4.89
N ALA B 39 -18.11 -31.86 -3.61
CA ALA B 39 -19.49 -31.76 -3.10
C ALA B 39 -20.21 -30.46 -3.51
N ALA B 40 -19.60 -29.60 -4.33
CA ALA B 40 -20.28 -28.41 -4.83
C ALA B 40 -21.46 -28.77 -5.73
N SER B 41 -22.52 -27.94 -5.68
CA SER B 41 -23.59 -28.00 -6.70
C SER B 41 -22.98 -27.85 -8.11
N SER B 42 -23.73 -28.33 -9.10
CA SER B 42 -23.28 -28.40 -10.50
C SER B 42 -24.48 -28.21 -11.44
N SER B 43 -24.45 -27.19 -12.31
CA SER B 43 -25.52 -27.01 -13.30
C SER B 43 -25.81 -28.30 -14.07
N SER B 44 -27.07 -28.72 -14.05
CA SER B 44 -27.53 -29.90 -14.79
C SER B 44 -26.70 -31.13 -14.51
N MSE B 45 -25.99 -31.15 -13.38
CA MSE B 45 -25.02 -32.21 -13.06
C MSE B 45 -24.03 -32.45 -14.19
O MSE B 45 -23.57 -33.58 -14.41
CB MSE B 45 -25.71 -33.53 -12.71
CG MSE B 45 -26.10 -33.56 -11.28
SE MSE B 45 -24.47 -33.92 -10.35
CE MSE B 45 -24.56 -35.85 -10.51
N LEU B 46 -23.66 -31.40 -14.91
CA LEU B 46 -22.75 -31.63 -16.04
C LEU B 46 -21.33 -31.93 -15.57
N GLN B 47 -20.94 -31.41 -14.40
CA GLN B 47 -19.60 -31.58 -13.83
C GLN B 47 -18.52 -31.16 -14.83
N VAL B 48 -18.43 -29.85 -15.00
CA VAL B 48 -17.65 -29.30 -16.09
C VAL B 48 -16.36 -28.66 -15.59
N VAL B 49 -15.95 -28.94 -14.35
CA VAL B 49 -14.74 -28.39 -13.77
C VAL B 49 -13.72 -29.50 -13.59
N SER B 50 -12.47 -29.21 -13.93
CA SER B 50 -11.32 -30.05 -13.66
C SER B 50 -10.31 -29.26 -12.86
N ILE B 51 -9.50 -29.96 -12.05
CA ILE B 51 -8.50 -29.32 -11.21
C ILE B 51 -7.15 -29.92 -11.57
N VAL B 52 -6.16 -29.09 -11.85
CA VAL B 52 -4.81 -29.61 -12.03
C VAL B 52 -4.05 -29.29 -10.75
N ARG B 53 -3.58 -30.31 -10.07
CA ARG B 53 -2.73 -30.14 -8.91
C ARG B 53 -1.29 -30.13 -9.38
N VAL B 54 -0.58 -29.03 -9.13
CA VAL B 54 0.81 -28.85 -9.59
C VAL B 54 1.73 -29.09 -8.40
N THR B 55 2.42 -30.23 -8.41
CA THR B 55 3.48 -30.53 -7.45
C THR B 55 4.87 -30.41 -8.04
N ASP B 56 5.00 -30.48 -9.35
CA ASP B 56 6.30 -30.41 -10.00
C ASP B 56 6.89 -29.01 -9.79
N ILE B 57 8.08 -28.92 -9.18
CA ILE B 57 8.48 -27.56 -8.78
C ILE B 57 8.98 -26.73 -9.96
N GLU B 58 9.52 -27.34 -11.01
CA GLU B 58 9.79 -26.60 -12.24
C GLU B 58 8.51 -25.96 -12.80
N LYS B 59 7.42 -26.73 -12.86
CA LYS B 59 6.17 -26.14 -13.31
C LYS B 59 5.68 -25.06 -12.37
N ARG B 60 5.79 -25.27 -11.05
CA ARG B 60 5.43 -24.20 -10.12
C ARG B 60 6.18 -22.91 -10.43
N SER B 61 7.49 -23.01 -10.69
CA SER B 61 8.24 -21.79 -10.95
C SER B 61 7.78 -21.14 -12.26
N GLN B 62 7.43 -21.93 -13.25
CA GLN B 62 7.03 -21.30 -14.51
C GLN B 62 5.66 -20.65 -14.37
N LEU B 63 4.75 -21.32 -13.67
CA LEU B 63 3.45 -20.73 -13.34
C LEU B 63 3.58 -19.43 -12.57
N ALA B 64 4.50 -19.37 -11.57
CA ALA B 64 4.73 -18.10 -10.86
C ALA B 64 5.07 -16.99 -11.84
N LYS B 65 5.96 -17.26 -12.79
CA LYS B 65 6.35 -16.22 -13.75
C LYS B 65 5.18 -15.88 -14.68
N PHE B 66 4.46 -16.90 -15.19
CA PHE B 66 3.34 -16.65 -16.10
C PHE B 66 2.25 -15.81 -15.44
N ALA B 67 2.10 -15.94 -14.13
CA ALA B 67 1.12 -15.22 -13.34
C ALA B 67 1.55 -13.81 -13.01
N GLY B 68 2.66 -13.34 -13.56
CA GLY B 68 3.12 -12.00 -13.27
C GLY B 68 4.12 -11.95 -12.15
N ASN B 69 4.93 -13.00 -11.99
CA ASN B 69 5.90 -13.10 -10.92
C ASN B 69 5.23 -12.95 -9.55
N GLN B 70 4.27 -13.83 -9.28
CA GLN B 70 3.65 -13.93 -7.95
C GLN B 70 4.37 -15.06 -7.22
N ALA B 71 5.23 -14.69 -6.29
CA ALA B 71 6.13 -15.66 -5.67
C ALA B 71 5.37 -16.67 -4.83
N TYR B 72 4.17 -16.32 -4.33
CA TYR B 72 3.49 -17.30 -3.49
C TYR B 72 2.94 -18.45 -4.31
N VAL B 73 2.83 -18.29 -5.63
CA VAL B 73 2.51 -19.45 -6.47
C VAL B 73 3.54 -20.55 -6.25
N GLU B 74 4.81 -20.17 -6.06
CA GLU B 74 5.90 -21.14 -5.82
C GLU B 74 5.95 -21.64 -4.38
N SER B 75 5.79 -20.75 -3.42
CA SER B 75 6.04 -21.12 -2.04
C SER B 75 4.82 -21.72 -1.35
N ALA B 76 3.64 -21.62 -1.93
CA ALA B 76 2.47 -22.27 -1.31
C ALA B 76 2.67 -23.78 -1.23
N ALA B 77 2.11 -24.37 -0.16
CA ALA B 77 2.19 -25.81 0.04
C ALA B 77 1.54 -26.56 -1.12
N GLU B 78 0.39 -26.08 -1.60
CA GLU B 78 -0.28 -26.66 -2.74
C GLU B 78 -0.74 -25.55 -3.68
N PHE B 79 -0.80 -25.87 -4.97
CA PHE B 79 -1.27 -24.97 -6.01
C PHE B 79 -2.22 -25.75 -6.92
N LEU B 80 -3.48 -25.29 -6.97
CA LEU B 80 -4.55 -25.91 -7.75
C LEU B 80 -4.90 -24.99 -8.90
N VAL B 81 -5.09 -25.56 -10.09
CA VAL B 81 -5.49 -24.77 -11.23
C VAL B 81 -6.89 -25.20 -11.62
N PHE B 82 -7.84 -24.30 -11.54
CA PHE B 82 -9.23 -24.58 -11.92
C PHE B 82 -9.43 -24.36 -13.41
N CYS B 83 -10.02 -25.36 -14.09
CA CYS B 83 -10.22 -25.36 -15.54
C CYS B 83 -11.66 -25.67 -15.93
N ILE B 84 -12.17 -25.00 -16.97
CA ILE B 84 -13.41 -25.45 -17.60
C ILE B 84 -13.10 -26.72 -18.38
N ASP B 85 -13.95 -27.75 -18.25
CA ASP B 85 -13.66 -29.01 -18.93
C ASP B 85 -14.91 -29.55 -19.61
N TYR B 86 -14.98 -29.43 -20.95
CA TYR B 86 -15.97 -30.16 -21.75
C TYR B 86 -15.32 -31.24 -22.58
N GLN B 87 -14.04 -31.53 -22.32
CA GLN B 87 -13.35 -32.62 -23.00
C GLN B 87 -13.85 -33.98 -22.55
N ARG B 88 -14.09 -34.14 -21.25
CA ARG B 88 -14.70 -35.38 -20.76
C ARG B 88 -15.94 -35.70 -21.56
N HIS B 89 -16.78 -34.69 -21.78
CA HIS B 89 -18.06 -34.93 -22.43
C HIS B 89 -17.85 -35.28 -23.89
N ALA B 90 -16.95 -34.55 -24.56
CA ALA B 90 -16.64 -34.83 -25.96
C ALA B 90 -15.99 -36.20 -26.13
N SER B 91 -15.23 -36.64 -25.12
CA SER B 91 -14.64 -37.97 -25.16
C SER B 91 -15.68 -39.07 -24.93
N ILE B 92 -16.83 -38.72 -24.34
CA ILE B 92 -17.96 -39.63 -24.28
C ILE B 92 -18.76 -39.61 -25.59
N ASN B 93 -18.91 -38.44 -26.21
CA ASN B 93 -19.76 -38.34 -27.39
C ASN B 93 -19.27 -37.17 -28.21
N PRO B 94 -18.61 -37.41 -29.35
CA PRO B 94 -17.97 -36.33 -30.10
C PRO B 94 -18.95 -35.38 -30.77
N ASP B 95 -20.25 -35.65 -30.72
CA ASP B 95 -21.22 -34.68 -31.18
C ASP B 95 -21.44 -33.53 -30.21
N VAL B 96 -20.86 -33.58 -28.99
CA VAL B 96 -21.01 -32.49 -28.02
C VAL B 96 -20.68 -31.16 -28.67
N GLN B 97 -21.54 -30.17 -28.50
CA GLN B 97 -21.27 -28.82 -28.98
C GLN B 97 -20.81 -27.97 -27.81
N ALA B 98 -19.50 -27.73 -27.71
CA ALA B 98 -18.96 -27.08 -26.54
C ALA B 98 -18.72 -25.58 -26.71
N ASP B 99 -19.08 -24.99 -27.85
CA ASP B 99 -18.64 -23.63 -28.17
C ASP B 99 -19.68 -22.56 -27.88
N PHE B 100 -20.79 -22.91 -27.26
CA PHE B 100 -21.79 -21.91 -26.90
C PHE B 100 -21.30 -21.10 -25.71
N THR B 101 -21.58 -19.78 -25.72
CA THR B 101 -21.11 -18.93 -24.63
C THR B 101 -21.75 -19.35 -23.32
N GLU B 102 -23.00 -19.81 -23.38
CA GLU B 102 -23.68 -20.35 -22.22
C GLU B 102 -22.81 -21.37 -21.47
N LEU B 103 -22.07 -22.21 -22.19
CA LEU B 103 -21.30 -23.25 -21.52
C LEU B 103 -20.04 -22.69 -20.86
N MSE B 104 -19.52 -21.58 -21.34
CA MSE B 104 -18.43 -20.94 -20.63
C MSE B 104 -18.94 -20.26 -19.32
O MSE B 104 -18.24 -20.29 -18.31
CB MSE B 104 -17.72 -19.97 -21.58
CG MSE B 104 -16.31 -19.53 -21.13
SE MSE B 104 -16.51 -18.03 -19.83
CE MSE B 104 -18.06 -17.35 -20.65
N LEU B 105 -20.13 -19.64 -19.37
CA LEU B 105 -20.76 -19.09 -18.17
C LEU B 105 -20.89 -20.17 -17.10
N ILE B 106 -21.44 -21.32 -17.50
CA ILE B 106 -21.62 -22.45 -16.60
C ILE B 106 -20.28 -22.90 -16.03
N GLY B 107 -19.26 -23.05 -16.90
CA GLY B 107 -17.96 -23.47 -16.41
C GLY B 107 -17.36 -22.46 -15.45
N ALA B 108 -17.55 -21.17 -15.74
CA ALA B 108 -17.02 -20.12 -14.87
C ALA B 108 -17.73 -20.11 -13.52
N VAL B 109 -19.08 -20.16 -13.54
CA VAL B 109 -19.83 -20.12 -12.27
C VAL B 109 -19.51 -21.35 -11.43
N ASP B 110 -19.56 -22.53 -12.05
CA ASP B 110 -19.34 -23.76 -11.31
C ASP B 110 -17.92 -23.84 -10.77
N SER B 111 -16.93 -23.29 -11.50
CA SER B 111 -15.57 -23.25 -10.99
C SER B 111 -15.51 -22.39 -9.74
N GLY B 112 -16.19 -21.24 -9.73
CA GLY B 112 -16.15 -20.39 -8.54
C GLY B 112 -16.80 -21.08 -7.35
N ILE B 113 -17.87 -21.83 -7.59
CA ILE B 113 -18.56 -22.55 -6.52
C ILE B 113 -17.66 -23.61 -5.92
N MSE B 114 -17.01 -24.41 -6.78
CA MSE B 114 -16.16 -25.49 -6.32
C MSE B 114 -14.92 -24.97 -5.60
O MSE B 114 -14.55 -25.46 -4.53
CB MSE B 114 -15.72 -26.39 -7.50
CG MSE B 114 -14.76 -27.50 -7.07
SE MSE B 114 -14.39 -28.75 -8.52
CE MSE B 114 -16.17 -29.51 -8.81
N ALA B 115 -14.28 -23.97 -6.21
CA ALA B 115 -13.11 -23.40 -5.61
C ALA B 115 -13.41 -22.82 -4.24
N GLN B 116 -14.56 -22.19 -4.08
CA GLN B 116 -14.91 -21.59 -2.78
C GLN B 116 -15.20 -22.65 -1.72
N ASN B 117 -15.77 -23.82 -2.09
CA ASN B 117 -15.80 -24.93 -1.15
C ASN B 117 -14.39 -25.35 -0.73
N CYS B 118 -13.47 -25.46 -1.70
CA CYS B 118 -12.10 -25.88 -1.39
C CYS B 118 -11.45 -24.91 -0.41
N LEU B 119 -11.58 -23.61 -0.69
CA LEU B 119 -10.95 -22.60 0.17
C LEU B 119 -11.54 -22.60 1.57
N LEU B 120 -12.88 -22.62 1.68
CA LEU B 120 -13.51 -22.59 3.00
C LEU B 120 -13.13 -23.84 3.80
N ALA B 121 -13.14 -25.01 3.16
CA ALA B 121 -12.70 -26.22 3.85
C ALA B 121 -11.29 -26.04 4.37
N ALA B 122 -10.40 -25.47 3.56
CA ALA B 122 -9.02 -25.28 3.99
C ALA B 122 -8.95 -24.27 5.14
N GLU B 123 -9.67 -23.13 5.01
CA GLU B 123 -9.65 -22.10 6.04
C GLU B 123 -10.28 -22.59 7.33
N SER B 124 -11.25 -23.52 7.23
CA SER B 124 -11.86 -24.12 8.41
C SER B 124 -10.86 -24.91 9.22
N MSE B 125 -9.75 -25.32 8.61
CA MSE B 125 -8.79 -26.15 9.30
C MSE B 125 -7.60 -25.31 9.74
O MSE B 125 -6.55 -25.85 10.07
CB MSE B 125 -8.33 -27.27 8.38
CG MSE B 125 -9.48 -28.26 8.19
SE MSE B 125 -9.15 -29.83 7.11
CE MSE B 125 -8.33 -28.98 5.66
N GLY B 126 -7.76 -23.99 9.74
CA GLY B 126 -6.63 -23.11 10.03
C GLY B 126 -5.65 -22.87 8.91
N LEU B 127 -5.93 -23.33 7.70
CA LEU B 127 -5.06 -23.06 6.58
C LEU B 127 -5.47 -21.73 5.96
N GLY B 128 -4.70 -21.28 4.96
CA GLY B 128 -5.02 -20.04 4.30
C GLY B 128 -4.73 -20.16 2.81
N GLY B 129 -5.29 -19.23 2.05
CA GLY B 129 -5.12 -19.32 0.62
C GLY B 129 -5.40 -18.02 -0.09
N VAL B 130 -5.24 -18.08 -1.41
CA VAL B 130 -5.57 -16.96 -2.26
C VAL B 130 -5.82 -17.51 -3.66
N TYR B 131 -6.83 -16.92 -4.32
CA TYR B 131 -7.09 -17.17 -5.73
C TYR B 131 -6.06 -16.47 -6.59
N ILE B 132 -5.68 -17.10 -7.72
CA ILE B 132 -4.71 -16.49 -8.65
C ILE B 132 -5.35 -16.38 -10.04
N GLY B 133 -6.01 -15.26 -10.29
CA GLY B 133 -6.45 -14.93 -11.64
C GLY B 133 -5.32 -14.57 -12.59
N GLY B 134 -4.15 -14.22 -12.05
CA GLY B 134 -2.95 -13.87 -12.81
C GLY B 134 -2.52 -14.94 -13.81
N LEU B 135 -2.90 -16.20 -13.61
CA LEU B 135 -2.58 -17.18 -14.65
C LEU B 135 -3.10 -16.73 -16.01
N ARG B 136 -4.19 -15.98 -16.03
CA ARG B 136 -4.81 -15.62 -17.29
C ARG B 136 -3.99 -14.59 -18.06
N ASN B 137 -2.97 -13.96 -17.43
CA ASN B 137 -2.08 -13.05 -18.16
C ASN B 137 -1.43 -13.74 -19.37
N ASN B 138 -1.02 -14.99 -19.18
CA ASN B 138 -0.36 -15.76 -20.23
C ASN B 138 -1.11 -17.07 -20.40
N ALA B 139 -2.40 -16.95 -20.68
CA ALA B 139 -3.34 -18.06 -20.53
C ALA B 139 -2.93 -19.23 -21.39
N GLN B 140 -2.60 -18.97 -22.66
CA GLN B 140 -2.22 -20.04 -23.57
C GLN B 140 -0.95 -20.74 -23.12
N GLN B 141 0.06 -20.00 -22.65
CA GLN B 141 1.27 -20.62 -22.15
C GLN B 141 0.98 -21.51 -20.95
N VAL B 142 0.12 -21.05 -20.03
CA VAL B 142 -0.27 -21.90 -18.90
C VAL B 142 -1.01 -23.14 -19.40
N ASP B 143 -1.97 -22.92 -20.32
CA ASP B 143 -2.74 -23.99 -20.93
C ASP B 143 -1.82 -25.08 -21.49
N GLU B 144 -0.85 -24.70 -22.32
CA GLU B 144 0.08 -25.67 -22.92
C GLU B 144 0.98 -26.34 -21.87
N LEU B 145 1.44 -25.57 -20.88
CA LEU B 145 2.25 -26.13 -19.80
C LEU B 145 1.52 -27.26 -19.07
N LEU B 146 0.24 -27.11 -18.77
CA LEU B 146 -0.51 -28.17 -18.10
C LEU B 146 -1.11 -29.17 -19.07
N GLY B 147 -0.85 -29.02 -20.37
CA GLY B 147 -1.26 -30.03 -21.34
C GLY B 147 -2.75 -30.09 -21.60
N LEU B 148 -3.45 -28.96 -21.50
CA LEU B 148 -4.91 -28.97 -21.64
C LEU B 148 -5.31 -29.27 -23.07
N PRO B 149 -6.30 -30.12 -23.27
CA PRO B 149 -6.76 -30.40 -24.65
C PRO B 149 -7.81 -29.41 -25.12
N GLN B 150 -8.30 -29.56 -26.35
CA GLN B 150 -9.46 -28.81 -26.81
C GLN B 150 -10.65 -29.02 -25.87
N ASN B 151 -11.57 -28.06 -25.87
CA ASN B 151 -12.76 -28.05 -25.03
C ASN B 151 -12.42 -27.81 -23.56
N THR B 152 -11.20 -27.43 -23.24
CA THR B 152 -10.85 -27.06 -21.87
C THR B 152 -10.12 -25.71 -21.90
N ALA B 153 -10.12 -25.04 -20.74
CA ALA B 153 -9.48 -23.73 -20.59
C ALA B 153 -9.19 -23.45 -19.11
N ILE B 154 -8.08 -22.77 -18.85
CA ILE B 154 -7.74 -22.34 -17.50
C ILE B 154 -8.60 -21.15 -17.13
N LEU B 155 -9.02 -21.09 -15.86
CA LEU B 155 -9.74 -19.94 -15.33
C LEU B 155 -8.96 -19.22 -14.25
N PHE B 156 -8.44 -19.96 -13.26
CA PHE B 156 -7.67 -19.32 -12.21
C PHE B 156 -6.99 -20.42 -11.41
N GLY B 157 -5.97 -20.02 -10.66
CA GLY B 157 -5.27 -20.90 -9.74
C GLY B 157 -5.71 -20.61 -8.31
N MSE B 158 -5.20 -21.41 -7.39
CA MSE B 158 -5.47 -21.18 -5.98
C MSE B 158 -4.25 -21.69 -5.18
O MSE B 158 -3.85 -22.85 -5.33
CB MSE B 158 -6.75 -21.92 -5.53
CG MSE B 158 -6.90 -21.99 -4.02
SE MSE B 158 -8.67 -22.62 -3.48
CE MSE B 158 -8.32 -24.46 -3.75
N CYS B 159 -3.68 -20.82 -4.36
CA CYS B 159 -2.61 -21.15 -3.44
C CYS B 159 -3.20 -21.59 -2.12
N LEU B 160 -2.64 -22.67 -1.53
CA LEU B 160 -3.06 -23.11 -0.20
C LEU B 160 -1.83 -23.37 0.65
N GLY B 161 -1.94 -23.07 1.94
CA GLY B 161 -0.80 -23.40 2.79
C GLY B 161 -1.05 -22.98 4.22
N HIS B 162 -0.04 -23.22 5.05
CA HIS B 162 -0.08 -22.74 6.42
C HIS B 162 0.30 -21.26 6.41
N PRO B 163 -0.54 -20.37 6.91
CA PRO B 163 -0.27 -18.93 6.75
C PRO B 163 0.92 -18.47 7.55
N ASP B 164 1.64 -17.50 7.01
CA ASP B 164 2.75 -16.87 7.72
C ASP B 164 2.57 -15.36 7.76
N GLN B 165 1.33 -14.90 7.87
CA GLN B 165 1.00 -13.47 7.91
C GLN B 165 -0.42 -13.35 8.40
N ASN B 166 -0.76 -12.20 8.98
CA ASN B 166 -2.05 -12.01 9.64
C ASN B 166 -2.69 -10.70 9.15
N PRO B 167 -3.18 -10.64 7.90
CA PRO B 167 -3.83 -9.41 7.43
C PRO B 167 -5.14 -9.16 8.17
N GLU B 168 -5.54 -7.90 8.19
CA GLU B 168 -6.89 -7.58 8.66
C GLU B 168 -7.92 -7.88 7.60
N VAL B 169 -9.15 -8.21 8.04
CA VAL B 169 -10.24 -8.44 7.10
C VAL B 169 -10.53 -7.14 6.35
N LYS B 170 -10.65 -7.23 5.01
CA LYS B 170 -10.95 -6.05 4.19
C LYS B 170 -12.45 -5.81 4.10
N PRO B 171 -12.93 -4.59 4.33
CA PRO B 171 -14.37 -4.34 4.21
C PRO B 171 -14.81 -4.29 2.75
N ARG B 172 -16.09 -4.61 2.55
CA ARG B 172 -16.71 -4.59 1.22
C ARG B 172 -17.76 -3.51 1.18
N LEU B 173 -18.27 -3.25 -0.04
CA LEU B 173 -19.43 -2.36 -0.11
C LEU B 173 -20.56 -2.85 0.80
N PRO B 174 -21.34 -1.95 1.40
CA PRO B 174 -22.41 -2.42 2.30
C PRO B 174 -23.53 -3.14 1.53
N ALA B 175 -24.20 -4.03 2.25
CA ALA B 175 -25.27 -4.83 1.65
C ALA B 175 -26.37 -3.96 1.07
N HIS B 176 -26.59 -2.75 1.62
CA HIS B 176 -27.62 -1.91 1.01
C HIS B 176 -27.16 -1.26 -0.29
N VAL B 177 -25.88 -1.36 -0.63
CA VAL B 177 -25.44 -0.99 -1.96
C VAL B 177 -25.52 -2.18 -2.90
N VAL B 178 -25.10 -3.33 -2.44
CA VAL B 178 -24.93 -4.48 -3.31
C VAL B 178 -26.24 -5.26 -3.49
N VAL B 179 -27.13 -5.20 -2.51
CA VAL B 179 -28.35 -5.99 -2.50
C VAL B 179 -29.51 -5.07 -2.81
N HIS B 180 -30.27 -5.40 -3.85
CA HIS B 180 -31.42 -4.63 -4.31
C HIS B 180 -32.70 -5.39 -4.00
N GLU B 181 -33.73 -4.65 -3.61
CA GLU B 181 -35.03 -5.24 -3.31
C GLU B 181 -35.96 -5.07 -4.51
N ASN B 182 -36.32 -6.20 -5.13
CA ASN B 182 -37.29 -6.30 -6.21
C ASN B 182 -36.88 -5.70 -7.55
N GLN B 183 -36.09 -4.65 -7.56
N GLN B 183 -36.15 -4.58 -7.55
CA GLN B 183 -35.62 -4.06 -8.80
CA GLN B 183 -35.70 -3.92 -8.77
C GLN B 183 -34.32 -3.32 -8.62
C GLN B 183 -34.30 -3.36 -8.57
N TYR B 184 -33.55 -3.24 -9.67
CA TYR B 184 -32.24 -2.59 -9.59
C TYR B 184 -32.41 -1.13 -9.16
N GLN B 185 -31.61 -0.72 -8.17
CA GLN B 185 -31.56 0.65 -7.65
C GLN B 185 -30.36 1.39 -8.25
N ASP B 186 -30.60 2.60 -8.73
CA ASP B 186 -29.53 3.44 -9.25
C ASP B 186 -28.54 3.75 -8.15
N LEU B 187 -27.26 3.86 -8.51
CA LEU B 187 -26.25 4.06 -7.48
C LEU B 187 -26.33 5.47 -6.87
N ASN B 188 -26.23 5.52 -5.54
CA ASN B 188 -26.05 6.77 -4.79
C ASN B 188 -24.55 7.03 -4.65
N LEU B 189 -24.05 8.07 -5.31
CA LEU B 189 -22.60 8.32 -5.28
C LEU B 189 -22.10 8.68 -3.89
N ASP B 190 -23.00 9.05 -2.97
CA ASP B 190 -22.55 9.29 -1.59
C ASP B 190 -22.12 8.01 -0.90
N ASP B 191 -22.71 6.88 -1.28
CA ASP B 191 -22.31 5.60 -0.68
C ASP B 191 -20.93 5.19 -1.14
N ILE B 192 -20.55 5.56 -2.36
CA ILE B 192 -19.19 5.33 -2.85
C ILE B 192 -18.21 6.21 -2.08
N GLN B 193 -18.60 7.44 -1.77
CA GLN B 193 -17.70 8.29 -1.02
C GLN B 193 -17.55 7.78 0.41
N ALA B 194 -18.64 7.33 1.04
CA ALA B 194 -18.51 6.73 2.36
C ALA B 194 -17.63 5.46 2.32
N TYR B 195 -17.70 4.70 1.22
CA TYR B 195 -16.94 3.45 1.20
C TYR B 195 -15.46 3.73 0.92
N ASP B 196 -15.16 4.69 0.04
CA ASP B 196 -13.78 5.18 -0.15
C ASP B 196 -13.14 5.58 1.18
N GLN B 197 -13.89 6.29 2.03
CA GLN B 197 -13.40 6.63 3.36
C GLN B 197 -13.06 5.38 4.17
N THR B 198 -13.98 4.41 4.18
CA THR B 198 -13.77 3.16 4.92
C THR B 198 -12.50 2.47 4.46
N MSE B 199 -12.25 2.46 3.15
CA MSE B 199 -11.09 1.79 2.61
C MSE B 199 -9.78 2.48 2.97
O MSE B 199 -8.78 1.80 3.22
CB MSE B 199 -11.21 1.64 1.08
CG MSE B 199 -12.12 0.49 0.63
SE MSE B 199 -11.85 -1.11 1.72
CE MSE B 199 -10.11 -1.73 1.08
N GLN B 200 -9.75 3.81 2.99
CA GLN B 200 -8.47 4.42 3.37
C GLN B 200 -8.24 4.34 4.87
N ASN B 201 -9.29 4.36 5.69
CA ASN B 201 -9.11 3.96 7.08
C ASN B 201 -8.46 2.58 7.17
N TYR B 202 -9.00 1.61 6.42
CA TYR B 202 -8.36 0.29 6.35
C TYR B 202 -6.90 0.37 5.91
N TYR B 203 -6.60 1.24 4.95
CA TYR B 203 -5.25 1.34 4.41
C TYR B 203 -4.38 2.36 5.16
N ALA B 204 -4.78 2.76 6.37
CA ALA B 204 -4.04 3.81 7.09
C ALA B 204 -4.05 3.57 8.59
N GLN B 212 -2.28 7.15 -2.88
CA GLN B 212 -3.26 8.19 -2.57
C GLN B 212 -4.63 7.91 -3.19
N SER B 213 -4.64 7.12 -4.28
CA SER B 213 -5.90 6.85 -4.98
C SER B 213 -6.88 6.13 -4.07
N THR B 214 -8.14 6.52 -4.18
CA THR B 214 -9.23 5.89 -3.46
C THR B 214 -9.66 4.63 -4.20
N TRP B 215 -10.47 3.81 -3.52
CA TRP B 215 -10.95 2.58 -4.14
C TRP B 215 -11.65 2.87 -5.47
N SER B 216 -12.56 3.86 -5.47
CA SER B 216 -13.33 4.19 -6.66
C SER B 216 -12.43 4.64 -7.81
N GLN B 217 -11.38 5.40 -7.50
CA GLN B 217 -10.49 5.82 -8.58
C GLN B 217 -9.66 4.66 -9.09
N GLU B 218 -9.21 3.77 -8.18
CA GLU B 218 -8.39 2.63 -8.60
C GLU B 218 -9.17 1.66 -9.48
N VAL B 219 -10.38 1.28 -9.06
CA VAL B 219 -11.13 0.28 -9.84
C VAL B 219 -11.56 0.85 -11.19
N THR B 220 -12.03 2.10 -11.22
CA THR B 220 -12.45 2.62 -12.53
C THR B 220 -11.25 3.02 -13.38
N SER B 221 -10.11 3.34 -12.76
CA SER B 221 -8.89 3.47 -13.53
C SER B 221 -8.54 2.15 -14.23
N LYS B 222 -8.64 1.04 -13.50
CA LYS B 222 -8.34 -0.26 -14.07
C LYS B 222 -9.27 -0.60 -15.25
N LEU B 223 -10.58 -0.33 -15.08
CA LEU B 223 -11.58 -0.66 -16.10
C LEU B 223 -11.63 0.34 -17.25
N ALA B 224 -11.10 1.55 -17.08
CA ALA B 224 -11.01 2.47 -18.22
C ALA B 224 -10.06 1.96 -19.30
N GLY B 225 -9.03 1.20 -18.90
CA GLY B 225 -8.18 0.51 -19.84
C GLY B 225 -8.81 -0.79 -20.34
N GLU B 226 -8.01 -1.58 -21.04
CA GLU B 226 -8.49 -2.83 -21.62
C GLU B 226 -8.24 -3.99 -20.66
N SER B 227 -9.23 -4.85 -20.48
CA SER B 227 -9.13 -5.93 -19.50
C SER B 227 -8.87 -7.23 -20.24
N ARG B 228 -7.61 -7.74 -20.10
CA ARG B 228 -7.05 -8.90 -20.78
C ARG B 228 -7.73 -9.15 -22.12
N PRO B 229 -7.46 -8.30 -23.12
CA PRO B 229 -8.16 -8.45 -24.40
C PRO B 229 -7.81 -9.73 -25.16
N HIS B 230 -6.80 -10.49 -24.74
CA HIS B 230 -6.44 -11.73 -25.41
C HIS B 230 -7.30 -12.91 -24.98
N ILE B 231 -8.23 -12.71 -24.03
CA ILE B 231 -8.90 -13.86 -23.44
C ILE B 231 -9.92 -14.47 -24.40
N LEU B 232 -10.72 -13.65 -25.11
CA LEU B 232 -11.67 -14.27 -26.05
C LEU B 232 -10.95 -15.05 -27.18
N PRO B 233 -9.89 -14.56 -27.81
CA PRO B 233 -9.16 -15.43 -28.74
C PRO B 233 -8.59 -16.68 -28.09
N TYR B 234 -8.12 -16.57 -26.85
CA TYR B 234 -7.64 -17.75 -26.12
C TYR B 234 -8.73 -18.81 -26.03
N LEU B 235 -9.86 -18.43 -25.43
CA LEU B 235 -11.01 -19.32 -25.33
C LEU B 235 -11.41 -19.88 -26.69
N ASN B 236 -11.54 -19.02 -27.72
CA ASN B 236 -11.94 -19.47 -29.05
C ASN B 236 -10.95 -20.50 -29.56
N GLY B 237 -9.65 -20.27 -29.30
CA GLY B 237 -8.63 -21.22 -29.74
C GLY B 237 -8.80 -22.59 -29.13
N LYS B 238 -9.41 -22.68 -27.92
CA LYS B 238 -9.63 -24.00 -27.34
C LYS B 238 -10.99 -24.58 -27.68
N GLY B 239 -11.75 -23.95 -28.58
CA GLY B 239 -13.07 -24.41 -28.92
C GLY B 239 -14.21 -23.80 -28.12
N LEU B 240 -13.96 -22.75 -27.34
CA LEU B 240 -14.97 -22.30 -26.39
C LEU B 240 -15.46 -20.89 -26.73
N ALA B 241 -16.71 -20.62 -26.36
CA ALA B 241 -17.27 -19.25 -26.40
C ALA B 241 -17.21 -18.65 -27.80
N LYS B 242 -17.56 -19.44 -28.80
CA LYS B 242 -17.48 -19.02 -30.19
C LYS B 242 -18.80 -18.45 -30.71
N LYS B 243 -19.88 -18.53 -29.94
CA LYS B 243 -21.19 -18.06 -30.40
C LYS B 243 -22.20 -18.06 -29.26
N ALA C 3 26.52 4.86 27.32
CA ALA C 3 25.96 4.80 25.97
C ALA C 3 24.44 4.45 25.96
N MSE C 4 23.79 4.58 27.11
CA MSE C 4 22.31 4.51 27.18
C MSE C 4 21.85 5.49 28.25
O MSE C 4 22.31 5.46 29.39
CB MSE C 4 21.81 3.08 27.48
CG MSE C 4 20.28 2.87 27.39
SE MSE C 4 19.35 3.67 25.83
CE MSE C 4 18.80 2.25 24.75
N ASN C 5 20.94 6.37 27.85
CA ASN C 5 20.30 7.34 28.73
C ASN C 5 18.96 7.60 28.10
N SER C 6 18.17 8.50 28.69
CA SER C 6 16.82 8.69 28.15
C SER C 6 16.79 9.49 26.82
N THR C 7 17.85 10.23 26.49
CA THR C 7 17.92 10.83 25.15
C THR C 7 18.06 9.75 24.08
N ILE C 8 19.02 8.84 24.26
CA ILE C 8 19.20 7.73 23.35
C ILE C 8 17.92 6.92 23.26
N GLN C 9 17.32 6.65 24.42
CA GLN C 9 16.09 5.87 24.43
C GLN C 9 15.01 6.57 23.59
N THR C 10 14.89 7.88 23.73
CA THR C 10 13.92 8.61 22.90
C THR C 10 14.27 8.52 21.42
N ILE C 11 15.53 8.75 21.07
CA ILE C 11 15.94 8.75 19.66
C ILE C 11 15.65 7.39 19.03
N LEU C 12 16.15 6.31 19.67
CA LEU C 12 16.05 4.95 19.15
C LEU C 12 14.62 4.41 19.14
N GLY C 13 13.73 4.94 19.97
CA GLY C 13 12.33 4.54 20.00
C GLY C 13 11.42 5.36 19.10
N HIS C 14 11.99 6.19 18.23
CA HIS C 14 11.22 7.04 17.34
C HIS C 14 10.34 6.22 16.41
N ARG C 15 9.13 6.71 16.24
CA ARG C 15 8.18 6.23 15.28
C ARG C 15 7.35 7.37 14.79
N SER C 16 7.18 7.49 13.48
CA SER C 16 6.24 8.50 13.03
C SER C 16 4.85 8.18 13.59
N ILE C 17 4.19 9.18 14.19
CA ILE C 17 2.83 9.01 14.71
C ILE C 17 1.85 9.78 13.84
N ARG C 18 0.80 9.10 13.35
CA ARG C 18 -0.19 9.71 12.46
C ARG C 18 -1.60 9.59 13.01
N LYS C 19 -1.72 9.29 14.30
CA LYS C 19 -3.04 9.17 14.90
C LYS C 19 -2.90 9.72 16.30
N PHE C 20 -3.72 10.70 16.63
CA PHE C 20 -3.59 11.46 17.86
C PHE C 20 -4.91 11.41 18.63
N THR C 21 -4.82 11.50 19.95
CA THR C 21 -6.04 11.72 20.72
C THR C 21 -6.48 13.18 20.59
N SER C 22 -7.65 13.48 21.15
CA SER C 22 -8.17 14.85 21.19
C SER C 22 -7.41 15.75 22.16
N GLN C 23 -6.45 15.22 22.94
CA GLN C 23 -5.82 16.04 23.99
C GLN C 23 -4.95 17.14 23.39
N PRO C 24 -5.14 18.39 23.78
CA PRO C 24 -4.25 19.46 23.31
C PRO C 24 -2.85 19.34 23.92
N ILE C 25 -1.91 20.03 23.30
CA ILE C 25 -0.58 20.19 23.89
C ILE C 25 -0.62 21.41 24.81
N ASP C 26 -0.22 21.23 26.08
CA ASP C 26 -0.25 22.34 27.02
C ASP C 26 0.64 23.46 26.54
N LYS C 27 0.25 24.69 26.92
CA LYS C 27 0.98 25.90 26.52
C LYS C 27 2.46 25.80 26.84
N GLU C 28 2.78 25.34 28.05
CA GLU C 28 4.18 25.26 28.46
C GLU C 28 4.95 24.21 27.67
N GLN C 29 4.29 23.08 27.32
CA GLN C 29 4.94 22.07 26.48
C GLN C 29 5.27 22.62 25.11
N LEU C 30 4.31 23.30 24.44
CA LEU C 30 4.61 23.85 23.11
C LEU C 30 5.71 24.90 23.20
N GLU C 31 5.71 25.69 24.26
CA GLU C 31 6.77 26.68 24.45
C GLU C 31 8.15 26.01 24.58
N THR C 32 8.25 24.90 25.32
CA THR C 32 9.52 24.18 25.39
C THR C 32 9.90 23.57 24.04
N ILE C 33 8.92 23.07 23.29
CA ILE C 33 9.23 22.48 22.00
C ILE C 33 9.84 23.54 21.08
N LEU C 34 9.24 24.72 21.08
CA LEU C 34 9.74 25.79 20.21
C LEU C 34 11.10 26.27 20.66
N GLN C 35 11.27 26.47 21.99
N GLN C 35 11.32 26.38 21.98
CA GLN C 35 12.58 26.75 22.59
CA GLN C 35 12.63 26.82 22.46
C GLN C 35 13.63 25.78 22.06
C GLN C 35 13.71 25.77 22.20
N ALA C 36 13.33 24.49 22.17
CA ALA C 36 14.28 23.46 21.73
C ALA C 36 14.66 23.65 20.27
N GLY C 37 13.68 23.92 19.41
CA GLY C 37 14.03 24.22 18.02
C GLY C 37 14.97 25.40 17.89
N LEU C 38 14.70 26.47 18.66
CA LEU C 38 15.55 27.65 18.66
C LEU C 38 16.98 27.39 19.16
N ALA C 39 17.21 26.34 19.96
CA ALA C 39 18.57 26.08 20.43
C ALA C 39 19.45 25.32 19.43
N ALA C 40 18.91 24.91 18.30
CA ALA C 40 19.65 24.24 17.23
C ALA C 40 20.82 25.08 16.74
N SER C 41 21.91 24.39 16.35
CA SER C 41 23.00 25.04 15.60
C SER C 41 22.47 25.79 14.38
N SER C 42 23.22 26.79 13.90
CA SER C 42 22.82 27.62 12.75
C SER C 42 24.06 28.01 11.94
N SER C 43 24.10 27.65 10.65
CA SER C 43 25.21 28.05 9.79
C SER C 43 25.46 29.56 9.88
N SER C 44 26.67 29.92 10.32
CA SER C 44 27.11 31.32 10.38
C SER C 44 26.23 32.18 11.25
N MSE C 45 25.47 31.56 12.16
CA MSE C 45 24.49 32.25 12.99
C MSE C 45 23.49 33.07 12.09
O MSE C 45 22.87 34.03 12.56
CB MSE C 45 25.18 33.18 14.03
CG MSE C 45 25.22 32.63 15.51
SE MSE C 45 23.46 32.06 16.05
CE MSE C 45 23.63 31.70 17.94
N LEU C 46 23.29 32.65 10.82
CA LEU C 46 22.37 33.36 9.92
C LEU C 46 20.91 33.29 10.37
N GLN C 47 20.54 32.24 11.09
CA GLN C 47 19.19 32.05 11.56
C GLN C 47 18.20 32.21 10.38
N VAL C 48 18.17 31.21 9.53
CA VAL C 48 17.45 31.30 8.24
C VAL C 48 16.14 30.48 8.25
N VAL C 49 15.66 30.08 9.42
CA VAL C 49 14.45 29.25 9.51
C VAL C 49 13.34 30.08 10.16
N SER C 50 12.14 29.96 9.61
CA SER C 50 10.93 30.51 10.22
C SER C 50 9.92 29.37 10.36
N ILE C 51 9.07 29.47 11.37
CA ILE C 51 8.02 28.48 11.63
C ILE C 51 6.67 29.21 11.58
N VAL C 52 5.74 28.67 10.81
CA VAL C 52 4.34 29.12 10.87
C VAL C 52 3.55 28.10 11.67
N ARG C 53 3.07 28.50 12.84
CA ARG C 53 2.19 27.65 13.62
C ARG C 53 0.75 27.87 13.14
N VAL C 54 0.08 26.80 12.71
CA VAL C 54 -1.27 26.97 12.14
C VAL C 54 -2.28 26.50 13.17
N THR C 55 -2.98 27.47 13.79
CA THR C 55 -4.09 27.19 14.70
C THR C 55 -5.46 27.44 14.07
N ASP C 56 -5.50 28.20 12.99
CA ASP C 56 -6.73 28.46 12.25
C ASP C 56 -7.30 27.17 11.64
N ILE C 57 -8.54 26.83 11.99
CA ILE C 57 -9.05 25.50 11.60
C ILE C 57 -9.39 25.44 10.12
N GLU C 58 -9.80 26.54 9.50
CA GLU C 58 -10.01 26.48 8.06
C GLU C 58 -8.68 26.24 7.33
N LYS C 59 -7.61 26.90 7.76
CA LYS C 59 -6.30 26.69 7.13
C LYS C 59 -5.79 25.28 7.39
N ARG C 60 -6.07 24.73 8.56
CA ARG C 60 -5.68 23.36 8.80
C ARG C 60 -6.29 22.44 7.76
N SER C 61 -7.57 22.67 7.42
CA SER C 61 -8.22 21.79 6.49
C SER C 61 -7.71 22.01 5.07
N GLN C 62 -7.40 23.26 4.71
N GLN C 62 -7.40 23.26 4.71
CA GLN C 62 -6.80 23.48 3.38
CA GLN C 62 -6.80 23.50 3.39
C GLN C 62 -5.43 22.86 3.30
C GLN C 62 -5.43 22.86 3.31
N LEU C 63 -4.68 22.91 4.40
CA LEU C 63 -3.33 22.36 4.40
C LEU C 63 -3.39 20.84 4.31
N ALA C 64 -4.37 20.21 4.97
CA ALA C 64 -4.54 18.77 4.84
C ALA C 64 -4.79 18.35 3.39
N LYS C 65 -5.68 19.07 2.69
N LYS C 65 -5.67 19.08 2.69
CA LYS C 65 -5.84 18.85 1.26
CA LYS C 65 -5.84 18.84 1.25
C LYS C 65 -4.52 19.02 0.53
C LYS C 65 -4.53 19.04 0.50
N PHE C 66 -3.82 20.15 0.77
CA PHE C 66 -2.61 20.46 0.00
C PHE C 66 -1.48 19.45 0.25
N ALA C 67 -1.51 18.79 1.40
CA ALA C 67 -0.52 17.81 1.79
C ALA C 67 -0.74 16.47 1.10
N GLY C 68 -1.81 16.34 0.32
CA GLY C 68 -2.18 15.08 -0.26
C GLY C 68 -3.29 14.38 0.49
N ASN C 69 -4.22 15.14 1.04
CA ASN C 69 -5.30 14.62 1.87
C ASN C 69 -4.72 13.74 2.98
N GLN C 70 -3.81 14.30 3.77
CA GLN C 70 -3.32 13.66 4.98
C GLN C 70 -4.12 14.20 6.17
N ALA C 71 -5.06 13.40 6.67
CA ALA C 71 -6.05 13.92 7.63
C ALA C 71 -5.43 14.32 8.97
N TYR C 72 -4.32 13.68 9.36
CA TYR C 72 -3.66 14.00 10.64
C TYR C 72 -3.10 15.42 10.66
N VAL C 73 -2.89 16.01 9.50
CA VAL C 73 -2.62 17.43 9.48
C VAL C 73 -3.75 18.20 10.16
N GLU C 74 -4.98 17.72 10.03
CA GLU C 74 -6.13 18.38 10.66
C GLU C 74 -6.28 17.97 12.12
N SER C 75 -6.11 16.68 12.41
CA SER C 75 -6.37 16.17 13.74
C SER C 75 -5.21 16.38 14.71
N ALA C 76 -4.02 16.75 14.24
CA ALA C 76 -2.90 16.96 15.15
C ALA C 76 -3.21 18.08 16.13
N ALA C 77 -2.73 17.93 17.38
CA ALA C 77 -2.83 19.01 18.35
C ALA C 77 -2.16 20.29 17.81
N GLU C 78 -0.98 20.17 17.20
CA GLU C 78 -0.25 21.31 16.68
C GLU C 78 0.30 21.00 15.29
N PHE C 79 0.38 22.01 14.44
CA PHE C 79 0.86 21.83 13.07
C PHE C 79 1.77 23.00 12.77
N LEU C 80 3.04 22.70 12.49
CA LEU C 80 4.08 23.70 12.31
C LEU C 80 4.54 23.64 10.86
N VAL C 81 4.78 24.77 10.22
CA VAL C 81 5.28 24.75 8.83
C VAL C 81 6.67 25.33 8.88
N PHE C 82 7.66 24.55 8.50
CA PHE C 82 9.02 25.03 8.50
C PHE C 82 9.35 25.68 7.16
N CYS C 83 9.88 26.91 7.21
CA CYS C 83 10.17 27.71 6.03
C CYS C 83 11.62 28.17 5.99
N ILE C 84 12.21 28.18 4.80
CA ILE C 84 13.44 28.95 4.61
C ILE C 84 13.07 30.43 4.72
N ASP C 85 13.89 31.22 5.40
CA ASP C 85 13.61 32.64 5.54
C ASP C 85 14.86 33.49 5.35
N TYR C 86 14.97 34.16 4.21
CA TYR C 86 15.92 35.25 3.98
C TYR C 86 15.23 36.60 3.86
N GLN C 87 13.94 36.67 4.20
CA GLN C 87 13.22 37.93 4.19
C GLN C 87 13.59 38.78 5.40
N ARG C 88 13.84 38.15 6.56
CA ARG C 88 14.35 38.91 7.70
C ARG C 88 15.63 39.66 7.33
N HIS C 89 16.54 39.00 6.62
CA HIS C 89 17.80 39.65 6.27
C HIS C 89 17.59 40.80 5.28
N ALA C 90 16.69 40.62 4.31
CA ALA C 90 16.44 41.65 3.31
C ALA C 90 15.65 42.82 3.89
N SER C 91 14.80 42.56 4.89
CA SER C 91 14.13 43.66 5.60
C SER C 91 15.12 44.49 6.40
N ILE C 92 16.20 43.86 6.90
CA ILE C 92 17.27 44.61 7.56
C ILE C 92 18.09 45.37 6.53
N ASN C 93 18.46 44.71 5.43
CA ASN C 93 19.27 45.32 4.39
C ASN C 93 18.85 44.78 3.02
N PRO C 94 18.22 45.59 2.18
CA PRO C 94 17.74 45.08 0.88
C PRO C 94 18.86 44.73 -0.09
N ASP C 95 20.11 45.10 0.20
CA ASP C 95 21.25 44.69 -0.62
C ASP C 95 21.52 43.18 -0.53
N VAL C 96 21.01 42.51 0.49
CA VAL C 96 21.21 41.07 0.60
C VAL C 96 20.90 40.36 -0.71
N GLN C 97 21.73 39.37 -1.05
CA GLN C 97 21.53 38.55 -2.24
C GLN C 97 21.15 37.15 -1.77
N ALA C 98 19.90 36.76 -2.01
CA ALA C 98 19.38 35.53 -1.43
C ALA C 98 19.17 34.41 -2.45
N ASP C 99 19.52 34.64 -3.71
CA ASP C 99 19.17 33.71 -4.78
C ASP C 99 20.26 32.68 -5.07
N PHE C 100 21.28 32.56 -4.21
CA PHE C 100 22.31 31.55 -4.40
C PHE C 100 21.84 30.19 -3.90
N THR C 101 22.15 29.16 -4.66
CA THR C 101 21.74 27.81 -4.32
C THR C 101 22.34 27.36 -2.98
N GLU C 102 23.57 27.81 -2.69
CA GLU C 102 24.20 27.57 -1.39
C GLU C 102 23.28 27.94 -0.24
N LEU C 103 22.60 29.09 -0.37
CA LEU C 103 21.71 29.57 0.69
C LEU C 103 20.46 28.70 0.84
N MSE C 104 19.99 28.08 -0.24
CA MSE C 104 18.81 27.22 -0.12
C MSE C 104 19.21 25.91 0.60
O MSE C 104 18.48 25.34 1.41
CB MSE C 104 18.20 26.91 -1.50
CG MSE C 104 16.94 26.06 -1.38
SE MSE C 104 17.38 24.13 -1.53
CE MSE C 104 17.89 24.17 -3.47
N LEU C 105 20.42 25.46 0.28
CA LEU C 105 21.02 24.33 0.95
C LEU C 105 21.16 24.58 2.44
N ILE C 106 21.68 25.74 2.82
CA ILE C 106 21.76 26.13 4.23
C ILE C 106 20.39 26.12 4.85
N GLY C 107 19.40 26.73 4.15
CA GLY C 107 18.06 26.81 4.69
C GLY C 107 17.47 25.44 4.90
N ALA C 108 17.77 24.51 3.98
CA ALA C 108 17.21 23.17 4.08
C ALA C 108 17.88 22.40 5.21
N VAL C 109 19.22 22.37 5.25
CA VAL C 109 19.91 21.70 6.36
C VAL C 109 19.51 22.30 7.70
N ASP C 110 19.57 23.63 7.83
CA ASP C 110 19.25 24.22 9.12
C ASP C 110 17.80 23.95 9.54
N SER C 111 16.88 23.82 8.58
CA SER C 111 15.49 23.52 8.92
C SER C 111 15.38 22.09 9.43
N GLY C 112 16.12 21.15 8.81
CA GLY C 112 16.12 19.80 9.33
C GLY C 112 16.67 19.72 10.75
N ILE C 113 17.73 20.46 11.04
CA ILE C 113 18.31 20.46 12.37
C ILE C 113 17.27 20.98 13.37
N MSE C 114 16.66 22.11 13.03
CA MSE C 114 15.75 22.74 13.95
C MSE C 114 14.52 21.87 14.15
O MSE C 114 14.08 21.70 15.28
CB MSE C 114 15.36 24.13 13.47
CG MSE C 114 14.38 24.81 14.45
SE MSE C 114 13.79 26.55 13.91
CE MSE C 114 15.39 27.51 14.39
N ALA C 115 13.95 21.33 13.07
CA ALA C 115 12.75 20.51 13.20
C ALA C 115 13.01 19.26 14.03
N GLN C 116 14.18 18.66 13.86
CA GLN C 116 14.54 17.49 14.62
C GLN C 116 14.62 17.81 16.13
N ASN C 117 15.12 18.96 16.48
CA ASN C 117 15.13 19.39 17.86
C ASN C 117 13.69 19.49 18.39
N CYS C 118 12.80 20.11 17.64
CA CYS C 118 11.40 20.21 18.09
C CYS C 118 10.82 18.82 18.32
N LEU C 119 11.02 17.93 17.36
CA LEU C 119 10.38 16.64 17.42
C LEU C 119 10.92 15.84 18.60
N LEU C 120 12.25 15.82 18.78
CA LEU C 120 12.77 15.03 19.88
C LEU C 120 12.38 15.62 21.21
N ALA C 121 12.37 16.95 21.32
CA ALA C 121 11.84 17.54 22.54
C ALA C 121 10.44 17.03 22.79
N ALA C 122 9.60 17.06 21.76
CA ALA C 122 8.23 16.56 21.93
C ALA C 122 8.22 15.08 22.31
N GLU C 123 8.97 14.25 21.56
CA GLU C 123 8.96 12.81 21.85
C GLU C 123 9.49 12.54 23.25
N SER C 124 10.41 13.36 23.73
CA SER C 124 10.95 13.13 25.06
C SER C 124 9.87 13.32 26.14
N MSE C 125 8.80 14.05 25.83
CA MSE C 125 7.73 14.30 26.80
C MSE C 125 6.57 13.34 26.66
O MSE C 125 5.54 13.47 27.34
CB MSE C 125 7.24 15.72 26.67
CG MSE C 125 8.36 16.69 27.04
SE MSE C 125 7.91 18.57 27.10
CE MSE C 125 7.36 18.74 25.32
N GLY C 126 6.71 12.37 25.78
CA GLY C 126 5.62 11.45 25.55
C GLY C 126 4.71 11.83 24.41
N LEU C 127 4.97 12.94 23.72
CA LEU C 127 4.23 13.27 22.51
C LEU C 127 4.71 12.43 21.34
N GLY C 128 4.03 12.55 20.22
CA GLY C 128 4.51 11.96 18.99
C GLY C 128 4.26 12.91 17.86
N GLY C 129 4.84 12.59 16.70
CA GLY C 129 4.65 13.44 15.54
C GLY C 129 5.09 12.77 14.25
N VAL C 130 4.96 13.53 13.17
CA VAL C 130 5.40 13.10 11.86
C VAL C 130 5.72 14.34 11.04
N TYR C 131 6.79 14.27 10.25
CA TYR C 131 7.08 15.31 9.28
C TYR C 131 6.07 15.24 8.12
N ILE C 132 5.73 16.40 7.54
CA ILE C 132 4.79 16.41 6.40
C ILE C 132 5.47 17.11 5.22
N GLY C 133 6.17 16.35 4.41
CA GLY C 133 6.76 16.90 3.19
C GLY C 133 5.74 17.02 2.07
N GLY C 134 4.58 16.39 2.27
CA GLY C 134 3.47 16.43 1.30
C GLY C 134 3.02 17.83 0.91
N LEU C 135 3.20 18.82 1.81
CA LEU C 135 2.89 20.20 1.46
C LEU C 135 3.55 20.63 0.16
N ARG C 136 4.73 20.11 -0.14
CA ARG C 136 5.44 20.47 -1.38
C ARG C 136 4.76 19.95 -2.64
N ASN C 137 3.82 19.01 -2.50
CA ASN C 137 2.94 18.68 -3.63
C ASN C 137 2.32 19.95 -4.21
N ASN C 138 1.91 20.86 -3.33
CA ASN C 138 1.25 22.09 -3.76
C ASN C 138 1.92 23.31 -3.17
N ALA C 139 3.24 23.44 -3.40
CA ALA C 139 4.06 24.40 -2.65
C ALA C 139 3.53 25.83 -2.84
N GLN C 140 3.25 26.20 -4.08
CA GLN C 140 2.81 27.56 -4.36
C GLN C 140 1.48 27.91 -3.69
N GLN C 141 0.50 27.00 -3.71
CA GLN C 141 -0.78 27.25 -3.00
C GLN C 141 -0.60 27.31 -1.48
N VAL C 142 0.31 26.50 -0.93
CA VAL C 142 0.61 26.59 0.50
C VAL C 142 1.32 27.91 0.82
N ASP C 143 2.30 28.28 -0.01
CA ASP C 143 2.98 29.55 0.16
C ASP C 143 1.98 30.70 0.20
N GLU C 144 1.03 30.72 -0.75
CA GLU C 144 0.01 31.77 -0.79
C GLU C 144 -0.88 31.71 0.44
N LEU C 145 -1.29 30.51 0.86
CA LEU C 145 -2.19 30.38 2.01
C LEU C 145 -1.57 30.98 3.27
N LEU C 146 -0.26 30.81 3.45
CA LEU C 146 0.48 31.30 4.62
C LEU C 146 1.01 32.72 4.43
N GLY C 147 0.78 33.34 3.26
CA GLY C 147 1.18 34.73 3.07
C GLY C 147 2.67 34.94 3.05
N LEU C 148 3.44 33.97 2.55
CA LEU C 148 4.90 34.08 2.63
C LEU C 148 5.39 35.17 1.67
N PRO C 149 6.28 36.05 2.09
CA PRO C 149 6.86 37.06 1.19
C PRO C 149 7.97 36.48 0.32
N GLN C 150 8.50 37.34 -0.53
CA GLN C 150 9.72 37.02 -1.27
C GLN C 150 10.84 36.60 -0.32
N ASN C 151 11.76 35.77 -0.85
CA ASN C 151 12.95 35.24 -0.15
C ASN C 151 12.64 34.27 0.97
N THR C 152 11.41 33.76 1.03
CA THR C 152 11.01 32.67 1.91
C THR C 152 10.37 31.59 1.07
N ALA C 153 10.34 30.36 1.60
CA ALA C 153 9.74 29.24 0.89
C ALA C 153 9.46 28.14 1.88
N ILE C 154 8.35 27.40 1.67
CA ILE C 154 7.97 26.31 2.55
C ILE C 154 8.87 25.14 2.23
N LEU C 155 9.20 24.33 3.25
CA LEU C 155 9.95 23.10 3.07
C LEU C 155 9.17 21.88 3.53
N PHE C 156 8.63 21.89 4.76
CA PHE C 156 7.85 20.76 5.20
C PHE C 156 7.03 21.18 6.41
N GLY C 157 6.05 20.36 6.73
CA GLY C 157 5.27 20.58 7.92
C GLY C 157 5.62 19.56 8.98
N MSE C 158 4.99 19.75 10.13
CA MSE C 158 5.13 18.81 11.22
C MSE C 158 3.86 18.75 12.07
O MSE C 158 3.44 19.77 12.59
CB MSE C 158 6.32 19.19 12.09
CG MSE C 158 6.45 18.35 13.32
SE MSE C 158 8.16 18.57 14.26
CE MSE C 158 8.11 20.37 14.66
N CYS C 159 3.29 17.57 12.20
CA CYS C 159 2.21 17.31 13.16
C CYS C 159 2.78 16.90 14.49
N LEU C 160 2.19 17.41 15.57
CA LEU C 160 2.50 16.98 16.93
C LEU C 160 1.23 16.74 17.71
N GLY C 161 1.27 15.76 18.62
CA GLY C 161 0.09 15.50 19.43
C GLY C 161 0.35 14.39 20.41
N HIS C 162 -0.75 14.00 21.17
CA HIS C 162 -0.63 12.84 22.05
C HIS C 162 -0.97 11.58 21.26
N PRO C 163 -0.10 10.56 21.23
CA PRO C 163 -0.29 9.45 20.30
C PRO C 163 -1.51 8.65 20.64
N ASP C 164 -2.18 8.15 19.58
CA ASP C 164 -3.25 7.17 19.71
C ASP C 164 -2.93 5.95 18.86
N GLN C 165 -1.64 5.70 18.63
CA GLN C 165 -1.19 4.43 18.05
C GLN C 165 0.21 4.18 18.57
N ASN C 166 0.69 2.97 18.37
CA ASN C 166 2.04 2.57 18.79
C ASN C 166 2.65 1.69 17.71
N PRO C 167 3.05 2.27 16.58
CA PRO C 167 3.66 1.46 15.53
C PRO C 167 4.95 0.82 16.02
N GLU C 168 5.29 -0.28 15.39
CA GLU C 168 6.57 -0.90 15.65
C GLU C 168 7.67 -0.05 14.98
N VAL C 169 8.84 0.01 15.62
CA VAL C 169 9.97 0.75 15.06
C VAL C 169 10.37 0.14 13.72
N LYS C 170 10.62 1.01 12.74
CA LYS C 170 10.89 0.60 11.36
C LYS C 170 12.39 0.42 11.16
N PRO C 171 12.86 -0.76 10.76
CA PRO C 171 14.28 -0.93 10.44
C PRO C 171 14.74 -0.06 9.27
N ARG C 172 15.98 0.43 9.37
CA ARG C 172 16.68 1.17 8.34
C ARG C 172 17.80 0.32 7.77
N LEU C 173 18.41 0.81 6.68
CA LEU C 173 19.59 0.13 6.14
C LEU C 173 20.66 0.06 7.24
N PRO C 174 21.39 -1.05 7.34
CA PRO C 174 22.42 -1.18 8.38
C PRO C 174 23.50 -0.10 8.29
N ALA C 175 24.16 0.13 9.43
CA ALA C 175 25.27 1.07 9.47
C ALA C 175 26.37 0.72 8.47
N HIS C 176 26.69 -0.58 8.29
CA HIS C 176 27.80 -0.92 7.40
C HIS C 176 27.47 -0.59 5.95
N VAL C 177 26.22 -0.26 5.63
CA VAL C 177 25.85 0.15 4.29
C VAL C 177 25.86 1.67 4.16
N VAL C 178 25.39 2.36 5.19
CA VAL C 178 25.20 3.81 5.15
C VAL C 178 26.47 4.57 5.54
N VAL C 179 27.32 3.96 6.39
CA VAL C 179 28.51 4.61 6.95
C VAL C 179 29.72 4.01 6.25
N HIS C 180 30.53 4.86 5.64
CA HIS C 180 31.71 4.46 4.92
C HIS C 180 32.93 4.90 5.73
N GLU C 181 33.95 4.08 5.74
CA GLU C 181 35.22 4.42 6.37
C GLU C 181 36.17 5.00 5.33
N ASN C 182 36.48 6.30 5.46
CA ASN C 182 37.55 7.01 4.77
C ASN C 182 37.29 7.31 3.30
N GLN C 183 36.54 6.47 2.64
CA GLN C 183 36.14 6.71 1.29
C GLN C 183 34.90 5.93 0.91
N TYR C 184 34.13 6.44 -0.03
CA TYR C 184 32.88 5.79 -0.39
C TYR C 184 33.13 4.34 -0.78
N GLN C 185 32.28 3.44 -0.29
CA GLN C 185 32.31 2.05 -0.70
C GLN C 185 31.17 1.78 -1.69
N ASP C 186 31.43 0.90 -2.65
CA ASP C 186 30.40 0.53 -3.60
C ASP C 186 29.34 -0.34 -2.95
N LEU C 187 28.13 -0.27 -3.48
CA LEU C 187 27.01 -1.01 -2.90
C LEU C 187 27.09 -2.50 -3.19
N ASN C 188 26.81 -3.31 -2.18
CA ASN C 188 26.66 -4.74 -2.35
C ASN C 188 25.17 -5.07 -2.46
N LEU C 189 24.74 -5.46 -3.66
CA LEU C 189 23.33 -5.74 -3.87
C LEU C 189 22.83 -6.83 -2.93
N ASP C 190 23.70 -7.73 -2.49
CA ASP C 190 23.34 -8.69 -1.45
C ASP C 190 22.75 -7.99 -0.23
N ASP C 191 23.31 -6.84 0.14
CA ASP C 191 22.84 -6.13 1.32
C ASP C 191 21.45 -5.54 1.08
N ILE C 192 21.12 -5.19 -0.16
CA ILE C 192 19.78 -4.67 -0.45
C ILE C 192 18.75 -5.80 -0.42
N GLN C 193 19.10 -6.98 -0.96
CA GLN C 193 18.17 -8.10 -0.84
C GLN C 193 17.96 -8.48 0.62
N ALA C 194 19.01 -8.43 1.43
CA ALA C 194 18.83 -8.68 2.86
C ALA C 194 17.91 -7.64 3.50
N TYR C 195 18.09 -6.37 3.16
CA TYR C 195 17.21 -5.35 3.74
C TYR C 195 15.78 -5.49 3.21
N ASP C 196 15.62 -5.79 1.92
CA ASP C 196 14.31 -6.10 1.35
C ASP C 196 13.59 -7.20 2.13
N GLN C 197 14.29 -8.27 2.52
CA GLN C 197 13.62 -9.31 3.30
C GLN C 197 13.24 -8.80 4.70
N THR C 198 14.02 -7.86 5.24
CA THR C 198 13.70 -7.28 6.55
C THR C 198 12.43 -6.43 6.49
N MSE C 199 12.30 -5.61 5.46
CA MSE C 199 11.10 -4.79 5.33
C MSE C 199 9.90 -5.64 4.96
O MSE C 199 8.78 -5.34 5.36
CB MSE C 199 11.33 -3.67 4.32
CG MSE C 199 12.40 -2.72 4.77
SE MSE C 199 11.93 -2.04 6.54
CE MSE C 199 10.32 -1.00 6.14
N GLN C 200 10.14 -6.69 4.20
CA GLN C 200 9.08 -7.65 3.90
C GLN C 200 8.53 -8.23 5.20
N ASN C 201 9.41 -8.60 6.12
CA ASN C 201 8.99 -9.08 7.43
C ASN C 201 8.22 -7.99 8.19
N TYR C 202 8.79 -6.78 8.29
CA TYR C 202 8.10 -5.69 8.99
C TYR C 202 6.71 -5.44 8.43
N TYR C 203 6.55 -5.49 7.11
CA TYR C 203 5.26 -5.28 6.48
C TYR C 203 4.45 -6.55 6.31
N ALA C 204 4.85 -7.64 6.98
CA ALA C 204 4.28 -8.96 6.71
C ALA C 204 2.75 -8.94 6.72
N ASN C 205 2.14 -8.27 7.68
CA ASN C 205 0.69 -8.30 7.81
C ASN C 205 0.04 -7.25 6.92
N ARG C 206 0.69 -6.97 5.78
CA ARG C 206 0.24 -6.07 4.72
C ARG C 206 -0.52 -4.87 5.24
N GLN C 212 2.75 -7.68 -4.75
CA GLN C 212 3.58 -7.37 -3.60
C GLN C 212 4.97 -6.85 -4.05
N SER C 213 5.47 -5.84 -3.35
CA SER C 213 6.62 -5.05 -3.79
C SER C 213 7.67 -5.03 -2.69
N THR C 214 8.95 -4.99 -3.09
CA THR C 214 10.03 -4.86 -2.13
C THR C 214 10.24 -3.39 -1.82
N TRP C 215 11.12 -3.10 -0.87
CA TRP C 215 11.47 -1.71 -0.59
C TRP C 215 12.30 -1.13 -1.73
N SER C 216 13.31 -1.85 -2.18
CA SER C 216 14.16 -1.31 -3.24
C SER C 216 13.37 -1.08 -4.53
N GLN C 217 12.33 -1.86 -4.81
CA GLN C 217 11.61 -1.57 -6.04
C GLN C 217 10.58 -0.48 -5.87
N GLU C 218 9.98 -0.33 -4.68
CA GLU C 218 9.09 0.81 -4.49
C GLU C 218 9.89 2.12 -4.50
N VAL C 219 11.03 2.13 -3.81
CA VAL C 219 11.84 3.34 -3.72
C VAL C 219 12.41 3.73 -5.09
N THR C 220 12.97 2.76 -5.82
CA THR C 220 13.59 3.14 -7.10
C THR C 220 12.54 3.43 -8.15
N SER C 221 11.36 2.80 -8.06
CA SER C 221 10.32 3.10 -9.04
C SER C 221 9.86 4.54 -8.91
N LYS C 222 9.75 5.03 -7.67
CA LYS C 222 9.43 6.44 -7.47
C LYS C 222 10.48 7.35 -8.09
N LEU C 223 11.75 7.01 -7.91
CA LEU C 223 12.79 7.89 -8.43
C LEU C 223 12.99 7.71 -9.92
N ALA C 224 12.33 6.72 -10.53
CA ALA C 224 12.34 6.54 -11.97
C ALA C 224 11.45 7.55 -12.68
N GLY C 225 10.36 7.98 -12.01
CA GLY C 225 9.58 9.11 -12.48
C GLY C 225 10.27 10.42 -12.13
N GLU C 226 9.52 11.51 -12.31
CA GLU C 226 10.02 12.82 -11.95
C GLU C 226 9.58 13.19 -10.53
N SER C 227 10.51 13.73 -9.75
CA SER C 227 10.24 14.05 -8.36
C SER C 227 9.91 15.55 -8.25
N ARG C 228 8.64 15.83 -7.90
CA ARG C 228 8.00 17.15 -7.81
C ARG C 228 8.70 18.14 -8.73
N PRO C 229 8.48 18.04 -10.05
CA PRO C 229 9.25 18.87 -10.99
C PRO C 229 8.93 20.37 -10.91
N HIS C 230 7.86 20.76 -10.25
CA HIS C 230 7.52 22.16 -10.07
C HIS C 230 8.34 22.87 -8.96
N ILE C 231 9.24 22.16 -8.25
CA ILE C 231 9.81 22.74 -7.05
C ILE C 231 10.82 23.84 -7.41
N LEU C 232 11.65 23.62 -8.42
CA LEU C 232 12.61 24.68 -8.74
C LEU C 232 11.91 25.93 -9.30
N PRO C 233 10.90 25.83 -10.19
CA PRO C 233 10.06 27.03 -10.47
C PRO C 233 9.45 27.64 -9.20
N TYR C 234 8.97 26.82 -8.26
CA TYR C 234 8.42 27.40 -7.03
C TYR C 234 9.48 28.23 -6.30
N LEU C 235 10.68 27.65 -6.10
CA LEU C 235 11.74 28.37 -5.41
C LEU C 235 12.15 29.61 -6.19
N ASN C 236 12.33 29.48 -7.51
CA ASN C 236 12.76 30.64 -8.27
C ASN C 236 11.70 31.74 -8.22
N GLY C 237 10.42 31.37 -8.22
CA GLY C 237 9.38 32.36 -8.04
C GLY C 237 9.49 33.11 -6.73
N LYS C 238 10.12 32.51 -5.69
CA LYS C 238 10.28 33.19 -4.40
C LYS C 238 11.60 33.94 -4.32
N GLY C 239 12.39 33.97 -5.38
CA GLY C 239 13.69 34.61 -5.38
C GLY C 239 14.85 33.72 -4.99
N LEU C 240 14.65 32.39 -4.92
CA LEU C 240 15.62 31.50 -4.32
C LEU C 240 16.16 30.51 -5.33
N ALA C 241 17.41 30.10 -5.15
CA ALA C 241 17.98 28.98 -5.89
C ALA C 241 18.01 29.27 -7.39
N LYS C 242 18.30 30.53 -7.74
CA LYS C 242 18.37 30.89 -9.15
C LYS C 242 19.77 30.75 -9.73
N LYS C 243 20.79 30.77 -8.89
CA LYS C 243 22.16 30.72 -9.38
C LYS C 243 23.08 30.06 -8.38
N ALA D 3 8.00 21.17 29.80
CA ALA D 3 8.44 20.28 30.88
C ALA D 3 9.98 20.22 31.03
N MSE D 4 10.47 19.31 31.89
CA MSE D 4 11.92 19.13 32.09
C MSE D 4 12.37 17.67 32.24
O MSE D 4 11.82 16.90 33.04
CB MSE D 4 12.41 19.92 33.32
CG MSE D 4 13.88 20.29 33.22
SE MSE D 4 14.32 20.68 31.38
CE MSE D 4 15.77 22.02 31.44
N ASN D 5 13.36 17.30 31.45
CA ASN D 5 13.96 15.97 31.42
C ASN D 5 15.35 16.16 30.82
N SER D 6 16.13 15.08 30.75
CA SER D 6 17.53 15.25 30.36
C SER D 6 17.69 15.43 28.86
N THR D 7 16.68 15.08 28.06
CA THR D 7 16.78 15.42 26.65
C THR D 7 16.63 16.92 26.44
N ILE D 8 15.63 17.52 27.08
CA ILE D 8 15.46 18.96 26.97
C ILE D 8 16.69 19.66 27.53
N GLN D 9 17.20 19.19 28.68
N GLN D 9 17.21 19.18 28.67
CA GLN D 9 18.42 19.76 29.22
CA GLN D 9 18.44 19.76 29.22
C GLN D 9 19.55 19.73 28.19
C GLN D 9 19.58 19.72 28.21
N THR D 10 19.73 18.59 27.51
CA THR D 10 20.77 18.47 26.49
C THR D 10 20.52 19.40 25.32
N ILE D 11 19.27 19.44 24.81
CA ILE D 11 18.96 20.30 23.67
C ILE D 11 19.23 21.76 24.03
N LEU D 12 18.73 22.19 25.20
CA LEU D 12 18.74 23.61 25.54
C LEU D 12 20.11 24.07 26.02
N GLY D 13 20.96 23.14 26.44
CA GLY D 13 22.30 23.47 26.84
C GLY D 13 23.30 23.33 25.71
N HIS D 14 22.83 23.16 24.47
CA HIS D 14 23.73 22.96 23.36
C HIS D 14 24.66 24.16 23.20
N ARG D 15 25.93 23.85 22.94
CA ARG D 15 26.90 24.83 22.46
C ARG D 15 27.87 24.11 21.54
N SER D 16 28.34 24.81 20.50
CA SER D 16 29.36 24.24 19.64
C SER D 16 30.68 24.11 20.40
N ILE D 17 31.32 22.96 20.28
CA ILE D 17 32.62 22.70 20.91
C ILE D 17 33.66 22.58 19.82
N ARG D 18 34.71 23.41 19.93
CA ARG D 18 35.77 23.48 18.93
C ARG D 18 37.13 23.26 19.55
N LYS D 19 37.19 22.79 20.78
CA LYS D 19 38.45 22.42 21.44
C LYS D 19 38.20 21.12 22.18
N PHE D 20 39.03 20.13 21.91
CA PHE D 20 38.84 18.77 22.43
C PHE D 20 40.10 18.28 23.14
N THR D 21 39.91 17.37 24.11
CA THR D 21 41.03 16.64 24.66
C THR D 21 41.55 15.63 23.62
N SER D 22 42.73 15.11 23.88
CA SER D 22 43.32 14.13 22.97
C SER D 22 42.67 12.77 23.05
N GLN D 23 41.72 12.57 23.98
CA GLN D 23 41.18 11.26 24.28
C GLN D 23 40.21 10.81 23.19
N PRO D 24 40.19 9.52 22.84
CA PRO D 24 39.29 9.05 21.78
C PRO D 24 37.90 8.73 22.32
N ILE D 25 37.00 8.50 21.39
CA ILE D 25 35.62 8.14 21.72
C ILE D 25 35.56 6.62 21.72
N ASP D 26 35.00 6.06 22.78
CA ASP D 26 34.86 4.61 22.90
C ASP D 26 34.08 4.07 21.70
N LYS D 27 34.41 2.84 21.31
CA LYS D 27 33.77 2.25 20.13
C LYS D 27 32.27 2.10 20.34
N GLU D 28 31.85 1.68 21.52
CA GLU D 28 30.42 1.57 21.82
C GLU D 28 29.73 2.94 21.77
N GLN D 29 30.41 4.00 22.26
CA GLN D 29 29.79 5.33 22.13
C GLN D 29 29.63 5.71 20.67
N LEU D 30 30.67 5.55 19.86
CA LEU D 30 30.52 5.86 18.44
C LEU D 30 29.42 5.01 17.82
N GLU D 31 29.34 3.73 18.20
CA GLU D 31 28.32 2.87 17.59
C GLU D 31 26.91 3.39 17.86
N THR D 32 26.67 3.85 19.09
CA THR D 32 25.37 4.40 19.45
C THR D 32 25.10 5.74 18.76
N ILE D 33 26.13 6.59 18.63
CA ILE D 33 25.95 7.86 17.91
C ILE D 33 25.47 7.60 16.48
N LEU D 34 26.05 6.61 15.84
CA LEU D 34 25.65 6.34 14.47
C LEU D 34 24.29 5.66 14.41
N GLN D 35 24.03 4.75 15.36
N GLN D 35 24.02 4.75 15.34
CA GLN D 35 22.72 4.13 15.48
CA GLN D 35 22.68 4.16 15.36
C GLN D 35 21.65 5.21 15.66
C GLN D 35 21.64 5.22 15.64
N ALA D 36 22.00 6.28 16.38
CA ALA D 36 21.08 7.38 16.61
C ALA D 36 20.78 8.12 15.31
N GLY D 37 21.83 8.44 14.56
CA GLY D 37 21.64 9.04 13.24
C GLY D 37 20.67 8.23 12.41
N LEU D 38 20.87 6.91 12.36
CA LEU D 38 20.09 6.06 11.47
C LEU D 38 18.62 5.98 11.88
N ALA D 39 18.30 6.21 13.16
CA ALA D 39 16.93 6.21 13.66
C ALA D 39 16.13 7.46 13.27
N ALA D 40 16.77 8.44 12.64
CA ALA D 40 16.11 9.62 12.11
C ALA D 40 14.99 9.26 11.12
N SER D 41 13.96 10.10 11.09
CA SER D 41 12.92 10.07 10.06
C SER D 41 13.56 10.22 8.68
N SER D 42 12.90 9.68 7.65
CA SER D 42 13.43 9.83 6.29
C SER D 42 12.28 10.06 5.31
N SER D 43 12.44 11.05 4.42
CA SER D 43 11.39 11.33 3.44
C SER D 43 11.12 10.09 2.60
N SER D 44 9.87 9.64 2.61
CA SER D 44 9.39 8.52 1.78
C SER D 44 10.24 7.28 1.99
N MSE D 45 10.91 7.17 3.14
CA MSE D 45 11.79 6.04 3.43
C MSE D 45 12.88 5.89 2.36
O MSE D 45 13.41 4.79 2.13
CB MSE D 45 10.96 4.76 3.57
CG MSE D 45 11.56 3.69 4.44
SE MSE D 45 12.24 4.36 6.12
CE MSE D 45 12.45 2.61 6.97
N LEU D 46 13.28 7.00 1.72
CA LEU D 46 14.23 6.95 0.62
C LEU D 46 15.64 6.66 1.12
N GLN D 47 15.94 7.01 2.37
CA GLN D 47 17.27 6.90 2.97
C GLN D 47 18.35 7.39 2.03
N VAL D 48 18.47 8.71 1.93
CA VAL D 48 19.25 9.37 0.91
C VAL D 48 20.55 9.91 1.47
N VAL D 49 20.90 9.50 2.69
CA VAL D 49 22.04 10.05 3.42
C VAL D 49 23.11 8.98 3.56
N SER D 50 24.36 9.39 3.38
CA SER D 50 25.52 8.57 3.65
C SER D 50 26.45 9.39 4.51
N ILE D 51 27.19 8.70 5.38
CA ILE D 51 28.18 9.31 6.26
C ILE D 51 29.54 8.71 5.91
N VAL D 52 30.54 9.55 5.73
CA VAL D 52 31.90 9.04 5.62
C VAL D 52 32.63 9.34 6.91
N ARG D 53 33.03 8.29 7.63
CA ARG D 53 33.83 8.45 8.82
C ARG D 53 35.31 8.52 8.44
N VAL D 54 35.98 9.62 8.76
CA VAL D 54 37.37 9.80 8.31
C VAL D 54 38.31 9.53 9.47
N THR D 55 39.04 8.42 9.38
CA THR D 55 40.04 8.08 10.40
C THR D 55 41.47 8.20 9.93
N ASP D 56 41.70 8.17 8.61
CA ASP D 56 43.04 8.37 8.04
C ASP D 56 43.58 9.76 8.42
N ILE D 57 44.73 9.77 9.09
CA ILE D 57 45.27 11.03 9.62
C ILE D 57 45.60 12.00 8.49
N GLU D 58 46.12 11.50 7.37
CA GLU D 58 46.43 12.40 6.26
C GLU D 58 45.18 13.05 5.68
N LYS D 59 44.07 12.28 5.61
CA LYS D 59 42.82 12.84 5.09
C LYS D 59 42.25 13.90 6.03
N ARG D 60 42.31 13.67 7.36
CA ARG D 60 41.87 14.70 8.29
C ARG D 60 42.63 15.99 8.10
N SER D 61 43.94 15.89 7.83
CA SER D 61 44.76 17.08 7.62
C SER D 61 44.33 17.80 6.34
N GLN D 62 44.07 17.05 5.27
N GLN D 62 44.07 17.05 5.28
CA GLN D 62 43.59 17.69 4.05
CA GLN D 62 43.60 17.69 4.04
C GLN D 62 42.22 18.32 4.27
C GLN D 62 42.21 18.30 4.23
N LEU D 63 41.30 17.59 4.92
CA LEU D 63 39.97 18.14 5.18
C LEU D 63 40.05 19.39 6.05
N ALA D 64 40.92 19.40 7.06
CA ALA D 64 41.08 20.58 7.89
C ALA D 64 41.41 21.80 7.02
N LYS D 65 42.37 21.63 6.11
CA LYS D 65 42.70 22.69 5.16
C LYS D 65 41.51 23.06 4.28
N PHE D 66 40.84 22.05 3.70
CA PHE D 66 39.78 22.31 2.73
C PHE D 66 38.60 23.01 3.37
N ALA D 67 38.42 22.81 4.68
CA ALA D 67 37.42 23.43 5.53
C ALA D 67 37.74 24.88 5.85
N GLY D 68 38.84 25.43 5.36
CA GLY D 68 39.25 26.77 5.68
C GLY D 68 40.23 26.90 6.81
N ASN D 69 41.14 25.94 6.97
CA ASN D 69 42.07 25.90 8.10
C ASN D 69 41.33 25.87 9.44
N GLN D 70 40.38 24.94 9.59
CA GLN D 70 39.70 24.71 10.86
C GLN D 70 40.41 23.57 11.58
N ALA D 71 41.28 23.91 12.55
CA ALA D 71 42.18 22.90 13.11
C ALA D 71 41.45 21.81 13.92
N TYR D 72 40.23 22.07 14.39
CA TYR D 72 39.52 21.03 15.13
C TYR D 72 39.05 19.90 14.23
N VAL D 73 39.03 20.10 12.92
CA VAL D 73 38.78 18.97 12.04
C VAL D 73 39.84 17.90 12.24
N GLU D 74 41.06 18.32 12.54
CA GLU D 74 42.20 17.40 12.74
C GLU D 74 42.22 16.82 14.16
N SER D 75 41.95 17.65 15.16
CA SER D 75 42.13 17.22 16.54
C SER D 75 40.90 16.55 17.14
N ALA D 76 39.74 16.60 16.49
CA ALA D 76 38.56 15.94 17.04
C ALA D 76 38.75 14.43 17.06
N ALA D 77 38.14 13.79 18.05
CA ALA D 77 38.26 12.34 18.17
C ALA D 77 37.68 11.64 16.95
N GLU D 78 36.59 12.16 16.40
CA GLU D 78 35.96 11.58 15.23
C GLU D 78 35.49 12.71 14.33
N PHE D 79 35.57 12.46 13.03
CA PHE D 79 35.10 13.43 12.03
C PHE D 79 34.21 12.70 11.06
N LEU D 80 32.96 13.15 10.91
CA LEU D 80 32.00 12.55 9.98
C LEU D 80 31.63 13.54 8.88
N VAL D 81 31.55 13.07 7.65
CA VAL D 81 31.10 13.90 6.54
C VAL D 81 29.74 13.40 6.11
N PHE D 82 28.75 14.27 6.14
CA PHE D 82 27.42 13.91 5.68
C PHE D 82 27.29 14.24 4.21
N CYS D 83 26.75 13.27 3.43
CA CYS D 83 26.62 13.35 1.98
C CYS D 83 25.18 13.04 1.57
N ILE D 84 24.70 13.75 0.55
CA ILE D 84 23.53 13.27 -0.19
C ILE D 84 23.92 12.04 -0.98
N ASP D 85 23.07 11.01 -1.00
CA ASP D 85 23.41 9.77 -1.68
C ASP D 85 22.20 9.24 -2.46
N TYR D 86 22.23 9.42 -3.77
CA TYR D 86 21.30 8.77 -4.68
C TYR D 86 22.01 7.73 -5.55
N GLN D 87 23.30 7.52 -5.31
CA GLN D 87 24.03 6.44 -6.00
C GLN D 87 23.55 5.07 -5.53
N ARG D 88 23.19 4.93 -4.25
CA ARG D 88 22.60 3.67 -3.81
C ARG D 88 21.41 3.32 -4.68
N HIS D 89 20.52 4.30 -4.92
CA HIS D 89 19.33 4.03 -5.70
C HIS D 89 19.66 3.73 -7.16
N ALA D 90 20.56 4.53 -7.75
CA ALA D 90 20.94 4.32 -9.14
C ALA D 90 21.66 2.99 -9.34
N SER D 91 22.40 2.53 -8.35
CA SER D 91 22.96 1.18 -8.44
C SER D 91 21.85 0.14 -8.44
N ILE D 92 20.78 0.37 -7.67
CA ILE D 92 19.67 -0.58 -7.63
C ILE D 92 18.90 -0.54 -8.95
N ASN D 93 18.83 0.62 -9.61
CA ASN D 93 18.06 0.76 -10.84
C ASN D 93 18.61 1.96 -11.57
N PRO D 94 19.30 1.79 -12.70
CA PRO D 94 19.90 2.96 -13.38
C PRO D 94 18.91 3.89 -14.07
N ASP D 95 17.61 3.60 -14.06
CA ASP D 95 16.64 4.59 -14.56
C ASP D 95 16.26 5.64 -13.52
N VAL D 96 16.78 5.55 -12.29
CA VAL D 96 16.61 6.59 -11.28
C VAL D 96 16.97 7.96 -11.86
N GLN D 97 16.08 8.92 -11.70
CA GLN D 97 16.34 10.30 -12.13
C GLN D 97 16.70 11.08 -10.87
N ALA D 98 17.98 11.34 -10.67
CA ALA D 98 18.44 11.95 -9.42
C ALA D 98 18.65 13.46 -9.51
N ASP D 99 18.36 14.09 -10.67
CA ASP D 99 18.77 15.47 -10.88
C ASP D 99 17.66 16.50 -10.64
N PHE D 100 16.50 16.09 -10.14
CA PHE D 100 15.52 17.08 -9.68
C PHE D 100 15.97 17.82 -8.42
N THR D 101 15.78 19.15 -8.42
CA THR D 101 16.11 19.96 -7.24
C THR D 101 15.37 19.45 -6.02
N GLU D 102 14.14 18.97 -6.19
CA GLU D 102 13.40 18.41 -5.07
C GLU D 102 14.21 17.34 -4.34
N LEU D 103 14.96 16.53 -5.08
CA LEU D 103 15.76 15.50 -4.46
C LEU D 103 16.97 16.08 -3.73
N MSE D 104 17.47 17.24 -4.15
CA MSE D 104 18.52 17.88 -3.36
C MSE D 104 17.96 18.40 -2.04
O MSE D 104 18.61 18.30 -0.98
CB MSE D 104 19.15 19.01 -4.17
CG MSE D 104 20.41 19.58 -3.58
SE MSE D 104 19.97 20.99 -2.31
CE MSE D 104 21.28 20.54 -0.98
N LEU D 105 16.77 18.99 -2.13
CA LEU D 105 16.06 19.47 -0.94
C LEU D 105 15.88 18.34 0.07
N ILE D 106 15.34 17.22 -0.38
CA ILE D 106 15.17 16.08 0.50
C ILE D 106 16.51 15.67 1.13
N GLY D 107 17.57 15.64 0.31
CA GLY D 107 18.86 15.19 0.82
C GLY D 107 19.42 16.15 1.86
N ALA D 108 19.23 17.45 1.64
CA ALA D 108 19.68 18.46 2.59
C ALA D 108 18.92 18.33 3.91
N VAL D 109 17.58 18.36 3.83
CA VAL D 109 16.75 18.30 5.03
C VAL D 109 17.05 17.03 5.82
N ASP D 110 17.04 15.88 5.13
CA ASP D 110 17.25 14.61 5.80
C ASP D 110 18.64 14.52 6.40
N SER D 111 19.62 15.18 5.77
CA SER D 111 20.95 15.21 6.35
C SER D 111 20.96 16.01 7.64
N GLY D 112 20.25 17.15 7.65
CA GLY D 112 20.16 17.91 8.89
C GLY D 112 19.50 17.11 9.99
N ILE D 113 18.46 16.36 9.66
CA ILE D 113 17.72 15.59 10.67
C ILE D 113 18.63 14.54 11.28
N MSE D 114 19.37 13.83 10.43
CA MSE D 114 20.21 12.73 10.84
C MSE D 114 21.41 13.24 11.64
O MSE D 114 21.68 12.73 12.73
CB MSE D 114 20.73 11.92 9.61
CG MSE D 114 21.43 10.64 10.02
SE MSE D 114 22.12 9.54 8.57
CE MSE D 114 20.41 8.56 8.26
N ALA D 115 22.10 14.24 11.12
CA ALA D 115 23.26 14.80 11.83
C ALA D 115 22.86 15.33 13.21
N GLN D 116 21.68 15.91 13.33
CA GLN D 116 21.29 16.47 14.62
C GLN D 116 20.99 15.36 15.64
N ASN D 117 20.38 14.25 15.18
CA ASN D 117 20.31 13.04 16.00
C ASN D 117 21.70 12.58 16.45
N CYS D 118 22.68 12.49 15.52
CA CYS D 118 24.03 12.08 15.96
C CYS D 118 24.56 13.02 17.02
N LEU D 119 24.40 14.33 16.80
CA LEU D 119 25.02 15.30 17.70
C LEU D 119 24.34 15.27 19.05
N LEU D 120 22.99 15.20 19.08
CA LEU D 120 22.35 15.15 20.39
C LEU D 120 22.69 13.88 21.14
N ALA D 121 22.79 12.75 20.41
CA ALA D 121 23.19 11.52 21.11
C ALA D 121 24.54 11.73 21.78
N ALA D 122 25.49 12.29 21.02
CA ALA D 122 26.83 12.55 21.52
C ALA D 122 26.78 13.49 22.71
N GLU D 123 26.03 14.58 22.61
CA GLU D 123 25.97 15.54 23.70
C GLU D 123 25.32 14.93 24.94
N SER D 124 24.38 14.00 24.75
CA SER D 124 23.71 13.36 25.87
C SER D 124 24.67 12.50 26.66
N MSE D 125 25.75 12.07 26.03
CA MSE D 125 26.78 11.25 26.65
C MSE D 125 27.95 12.10 27.16
O MSE D 125 28.96 11.56 27.57
CB MSE D 125 27.28 10.23 25.62
CG MSE D 125 26.19 9.32 25.12
SE MSE D 125 26.90 7.84 24.07
CE MSE D 125 27.70 8.89 22.74
N GLY D 126 27.79 13.42 27.16
CA GLY D 126 28.82 14.34 27.60
C GLY D 126 29.93 14.60 26.59
N LEU D 127 29.75 14.15 25.36
CA LEU D 127 30.67 14.53 24.30
C LEU D 127 30.24 15.87 23.75
N GLY D 128 31.10 16.52 22.98
CA GLY D 128 30.76 17.77 22.35
C GLY D 128 31.06 17.69 20.87
N GLY D 129 30.56 18.65 20.13
CA GLY D 129 30.93 18.67 18.72
C GLY D 129 30.53 19.96 18.06
N VAL D 130 30.76 20.01 16.75
CA VAL D 130 30.45 21.19 15.96
C VAL D 130 30.23 20.75 14.52
N TYR D 131 29.25 21.38 13.85
CA TYR D 131 29.04 21.21 12.40
C TYR D 131 30.12 21.93 11.61
N ILE D 132 30.53 21.35 10.46
CA ILE D 132 31.55 21.95 9.61
C ILE D 132 31.02 22.08 8.19
N GLY D 133 30.28 23.17 7.92
CA GLY D 133 29.91 23.54 6.56
C GLY D 133 31.07 24.10 5.73
N GLY D 134 32.15 24.52 6.39
CA GLY D 134 33.35 25.00 5.71
C GLY D 134 33.85 24.06 4.63
N LEU D 135 33.52 22.78 4.73
CA LEU D 135 33.93 21.85 3.68
C LEU D 135 33.43 22.30 2.31
N ARG D 136 32.35 23.05 2.28
CA ARG D 136 31.78 23.47 1.01
C ARG D 136 32.65 24.53 0.33
N ASN D 137 33.57 25.17 1.06
CA ASN D 137 34.53 26.10 0.45
C ASN D 137 35.28 25.44 -0.70
N ASN D 138 35.59 24.15 -0.55
CA ASN D 138 36.32 23.36 -1.52
C ASN D 138 35.58 22.06 -1.80
N ALA D 139 34.30 22.21 -2.12
CA ALA D 139 33.42 21.06 -2.29
C ALA D 139 34.02 20.03 -3.23
N GLN D 140 34.43 20.44 -4.44
CA GLN D 140 34.90 19.45 -5.40
C GLN D 140 36.11 18.69 -4.87
N GLN D 141 37.05 19.38 -4.21
CA GLN D 141 38.25 18.70 -3.72
C GLN D 141 37.93 17.75 -2.58
N VAL D 142 37.02 18.15 -1.68
CA VAL D 142 36.58 17.23 -0.64
C VAL D 142 35.90 16.01 -1.28
N ASP D 143 34.98 16.26 -2.20
CA ASP D 143 34.32 15.18 -2.95
C ASP D 143 35.36 14.17 -3.46
N GLU D 144 36.41 14.66 -4.08
CA GLU D 144 37.40 13.78 -4.70
C GLU D 144 38.26 13.08 -3.65
N LEU D 145 38.60 13.77 -2.57
CA LEU D 145 39.33 13.11 -1.49
C LEU D 145 38.57 11.88 -1.00
N LEU D 146 37.27 12.02 -0.79
CA LEU D 146 36.46 10.92 -0.27
C LEU D 146 36.02 9.95 -1.34
N GLY D 147 36.40 10.19 -2.59
CA GLY D 147 36.13 9.24 -3.65
C GLY D 147 34.65 9.09 -3.94
N LEU D 148 33.87 10.22 -3.96
CA LEU D 148 32.44 10.03 -4.10
C LEU D 148 32.04 9.85 -5.57
N PRO D 149 31.12 8.94 -5.85
CA PRO D 149 30.67 8.72 -7.22
C PRO D 149 29.59 9.73 -7.60
N GLN D 150 29.14 9.62 -8.85
CA GLN D 150 28.03 10.41 -9.31
C GLN D 150 26.80 10.13 -8.46
N ASN D 151 25.89 11.11 -8.45
CA ASN D 151 24.66 11.13 -7.67
C ASN D 151 24.91 11.25 -6.18
N THR D 152 26.11 11.59 -5.77
CA THR D 152 26.38 11.93 -4.38
C THR D 152 27.04 13.31 -4.34
N ALA D 153 27.00 13.93 -3.16
CA ALA D 153 27.62 15.24 -2.94
C ALA D 153 27.83 15.51 -1.46
N ILE D 154 28.92 16.22 -1.14
CA ILE D 154 29.24 16.74 0.19
C ILE D 154 28.19 17.74 0.61
N LEU D 155 27.80 17.73 1.90
CA LEU D 155 27.03 18.82 2.49
C LEU D 155 27.75 19.51 3.64
N PHE D 156 28.23 18.75 4.63
CA PHE D 156 28.88 19.35 5.78
C PHE D 156 29.55 18.25 6.59
N GLY D 157 30.50 18.66 7.42
CA GLY D 157 31.18 17.76 8.31
C GLY D 157 30.65 17.91 9.73
N MSE D 158 31.18 17.06 10.61
CA MSE D 158 30.80 17.13 12.02
C MSE D 158 31.97 16.62 12.87
O MSE D 158 32.41 15.51 12.67
CB MSE D 158 29.51 16.34 12.28
CG MSE D 158 29.38 15.95 13.79
SE MSE D 158 27.59 15.55 14.34
CE MSE D 158 27.40 13.95 13.34
N CYS D 159 32.52 17.45 13.77
CA CYS D 159 33.60 17.04 14.68
C CYS D 159 32.95 16.57 15.96
N LEU D 160 33.48 15.50 16.56
CA LEU D 160 32.98 15.05 17.87
C LEU D 160 34.17 14.72 18.75
N GLY D 161 34.05 14.97 20.05
CA GLY D 161 35.11 14.60 20.96
C GLY D 161 34.74 14.89 22.41
N HIS D 162 35.70 14.70 23.32
CA HIS D 162 35.57 15.10 24.71
C HIS D 162 35.86 16.60 24.75
N PRO D 163 34.97 17.38 25.29
CA PRO D 163 35.19 18.84 25.27
C PRO D 163 36.39 19.26 26.09
N ASP D 164 37.17 20.21 25.53
CA ASP D 164 38.24 20.87 26.27
C ASP D 164 37.96 22.36 26.43
N GLN D 165 36.69 22.75 26.49
CA GLN D 165 36.26 24.13 26.71
C GLN D 165 34.80 24.08 27.14
N ASN D 166 34.28 25.18 27.67
CA ASN D 166 32.87 25.27 28.05
C ASN D 166 32.33 26.67 27.78
N PRO D 167 32.07 27.02 26.51
CA PRO D 167 31.52 28.34 26.19
C PRO D 167 30.11 28.49 26.74
N GLU D 168 29.70 29.74 26.96
CA GLU D 168 28.31 30.04 27.28
C GLU D 168 27.41 29.67 26.11
N VAL D 169 26.15 29.38 26.45
CA VAL D 169 25.11 29.17 25.45
C VAL D 169 24.84 30.50 24.75
N LYS D 170 24.65 30.46 23.41
CA LYS D 170 24.51 31.67 22.61
C LYS D 170 23.03 31.97 22.41
N PRO D 171 22.56 33.17 22.69
CA PRO D 171 21.13 33.46 22.53
C PRO D 171 20.80 33.48 21.04
N ARG D 172 19.53 33.22 20.73
CA ARG D 172 19.00 33.28 19.37
C ARG D 172 17.88 34.29 19.33
N LEU D 173 17.36 34.54 18.13
CA LEU D 173 16.20 35.42 18.01
C LEU D 173 15.06 34.87 18.86
N PRO D 174 14.26 35.73 19.49
CA PRO D 174 13.12 35.25 20.28
C PRO D 174 12.12 34.48 19.44
N ALA D 175 11.41 33.56 20.11
CA ALA D 175 10.36 32.80 19.45
C ALA D 175 9.29 33.70 18.84
N HIS D 176 8.98 34.85 19.47
CA HIS D 176 7.98 35.70 18.84
C HIS D 176 8.48 36.34 17.55
N VAL D 177 9.78 36.33 17.28
CA VAL D 177 10.25 36.77 15.96
C VAL D 177 10.25 35.63 14.97
N VAL D 178 10.66 34.45 15.39
CA VAL D 178 10.86 33.35 14.45
C VAL D 178 9.59 32.55 14.20
N VAL D 179 8.68 32.52 15.16
CA VAL D 179 7.46 31.75 15.02
C VAL D 179 6.34 32.70 14.63
N HIS D 180 5.64 32.39 13.56
CA HIS D 180 4.51 33.19 13.10
C HIS D 180 3.23 32.41 13.31
N GLU D 181 2.15 33.10 13.69
CA GLU D 181 0.87 32.45 13.92
C GLU D 181 0.01 32.58 12.66
N ASN D 182 -0.32 31.46 12.03
CA ASN D 182 -1.28 31.43 10.92
C ASN D 182 -0.78 32.09 9.63
N GLN D 183 -0.05 33.17 9.72
CA GLN D 183 0.48 33.82 8.55
C GLN D 183 1.76 34.60 8.80
N TYR D 184 2.52 34.81 7.75
CA TYR D 184 3.83 35.42 7.92
C TYR D 184 3.68 36.83 8.45
N GLN D 185 4.40 37.16 9.54
CA GLN D 185 4.41 38.51 10.10
C GLN D 185 5.62 39.31 9.60
N ASP D 186 5.36 40.53 9.15
CA ASP D 186 6.46 41.37 8.69
C ASP D 186 7.38 41.71 9.86
N LEU D 187 8.66 41.87 9.55
CA LEU D 187 9.62 42.08 10.62
C LEU D 187 9.55 43.49 11.22
N ASN D 188 9.44 43.55 12.54
CA ASN D 188 9.59 44.77 13.33
C ASN D 188 11.08 45.00 13.62
N LEU D 189 11.65 46.08 13.06
CA LEU D 189 13.09 46.29 13.16
C LEU D 189 13.56 46.57 14.58
N ASP D 190 12.64 47.00 15.47
CA ASP D 190 12.98 47.12 16.88
C ASP D 190 13.31 45.77 17.50
N ASP D 191 12.73 44.66 16.99
CA ASP D 191 13.10 43.36 17.53
C ASP D 191 14.54 43.03 17.18
N ILE D 192 15.02 43.53 16.04
CA ILE D 192 16.39 43.28 15.66
C ILE D 192 17.33 44.14 16.48
N GLN D 193 16.95 45.38 16.75
CA GLN D 193 17.79 46.23 17.60
C GLN D 193 17.95 45.59 18.97
N ALA D 194 16.85 45.09 19.55
CA ALA D 194 16.93 44.40 20.84
C ALA D 194 17.85 43.18 20.78
N TYR D 195 17.73 42.36 19.73
CA TYR D 195 18.59 41.18 19.65
C TYR D 195 20.05 41.57 19.50
N ASP D 196 20.35 42.59 18.67
CA ASP D 196 21.72 43.07 18.55
C ASP D 196 22.31 43.43 19.91
N GLN D 197 21.50 44.04 20.77
CA GLN D 197 21.96 44.36 22.13
C GLN D 197 22.25 43.09 22.91
N THR D 198 21.31 42.14 22.87
CA THR D 198 21.53 40.87 23.55
C THR D 198 22.86 40.25 23.15
N MSE D 199 23.17 40.28 21.87
CA MSE D 199 24.39 39.70 21.32
C MSE D 199 25.66 40.50 21.64
O MSE D 199 26.71 39.93 21.84
CB MSE D 199 24.21 39.55 19.81
CG MSE D 199 24.79 38.30 19.21
SE MSE D 199 24.30 36.62 20.08
CE MSE D 199 22.66 37.02 20.90
N GLN D 200 25.55 41.83 21.64
CA GLN D 200 26.65 42.65 22.13
C GLN D 200 27.04 42.24 23.54
N ASN D 201 26.02 42.08 24.40
CA ASN D 201 26.26 41.66 25.78
C ASN D 201 26.83 40.25 25.85
N TYR D 202 26.46 39.36 24.91
CA TYR D 202 27.09 38.04 24.88
C TYR D 202 28.58 38.20 24.60
N TYR D 203 28.94 39.05 23.64
CA TYR D 203 30.35 39.25 23.29
C TYR D 203 31.10 40.15 24.25
N ALA D 204 30.41 41.00 25.02
CA ALA D 204 31.12 41.78 26.04
C ALA D 204 31.75 40.88 27.09
N ASN D 205 31.12 39.74 27.37
CA ASN D 205 31.63 38.70 28.26
C ASN D 205 32.56 37.77 27.47
N GLN D 212 34.28 46.54 15.91
CA GLN D 212 33.00 46.57 16.63
C GLN D 212 31.82 46.49 15.65
N SER D 213 31.16 45.34 15.65
CA SER D 213 30.03 45.11 14.76
C SER D 213 28.82 44.72 15.58
N THR D 214 27.75 44.36 14.88
CA THR D 214 26.53 43.85 15.49
C THR D 214 26.12 42.61 14.70
N TRP D 215 25.33 41.75 15.33
CA TRP D 215 24.88 40.56 14.65
C TRP D 215 24.24 40.92 13.31
N SER D 216 23.28 41.86 13.34
CA SER D 216 22.53 42.19 12.15
C SER D 216 23.44 42.75 11.06
N GLN D 217 24.37 43.61 11.46
CA GLN D 217 25.35 44.12 10.50
C GLN D 217 26.22 43.00 9.94
N GLU D 218 26.61 42.03 10.78
CA GLU D 218 27.45 40.97 10.25
C GLU D 218 26.69 40.04 9.30
N VAL D 219 25.45 39.66 9.64
CA VAL D 219 24.81 38.66 8.81
C VAL D 219 24.49 39.27 7.44
N THR D 220 24.06 40.54 7.41
CA THR D 220 23.66 41.14 6.14
C THR D 220 24.85 41.59 5.31
N SER D 221 25.99 41.87 5.96
CA SER D 221 27.22 42.07 5.22
C SER D 221 27.68 40.78 4.55
N LYS D 222 27.61 39.66 5.26
CA LYS D 222 27.89 38.38 4.64
C LYS D 222 26.99 38.14 3.42
N LEU D 223 25.68 38.34 3.57
CA LEU D 223 24.77 37.95 2.49
C LEU D 223 24.74 38.95 1.35
N ALA D 224 25.30 40.15 1.54
CA ALA D 224 25.37 41.16 0.49
C ALA D 224 26.44 40.87 -0.55
N GLY D 225 27.41 40.01 -0.25
CA GLY D 225 28.30 39.49 -1.28
C GLY D 225 27.67 38.29 -1.97
N GLU D 226 28.51 37.44 -2.53
CA GLU D 226 28.07 36.19 -3.14
C GLU D 226 28.32 35.03 -2.18
N SER D 227 27.33 34.15 -2.02
CA SER D 227 27.44 33.02 -1.11
C SER D 227 27.81 31.78 -1.94
N ARG D 228 29.06 31.29 -1.74
CA ARG D 228 29.70 30.13 -2.41
C ARG D 228 29.11 29.88 -3.80
N PRO D 229 29.40 30.74 -4.77
CA PRO D 229 28.74 30.62 -6.07
C PRO D 229 29.14 29.38 -6.87
N HIS D 230 30.18 28.67 -6.47
CA HIS D 230 30.57 27.45 -7.17
C HIS D 230 29.67 26.27 -6.82
N ILE D 231 28.74 26.44 -5.86
CA ILE D 231 28.04 25.27 -5.34
C ILE D 231 27.07 24.69 -6.36
N LEU D 232 26.32 25.53 -7.07
CA LEU D 232 25.44 24.94 -8.08
C LEU D 232 26.24 24.22 -9.16
N PRO D 233 27.29 24.78 -9.76
CA PRO D 233 28.15 23.98 -10.66
C PRO D 233 28.65 22.68 -10.03
N TYR D 234 29.10 22.74 -8.76
CA TYR D 234 29.56 21.54 -8.06
C TYR D 234 28.47 20.47 -8.03
N LEU D 235 27.28 20.83 -7.53
CA LEU D 235 26.15 19.90 -7.50
C LEU D 235 25.81 19.40 -8.89
N ASN D 236 25.80 20.28 -9.89
CA ASN D 236 25.47 19.83 -11.25
C ASN D 236 26.53 18.86 -11.77
N GLY D 237 27.80 19.08 -11.42
CA GLY D 237 28.85 18.16 -11.83
C GLY D 237 28.63 16.74 -11.33
N LYS D 238 27.99 16.59 -10.17
CA LYS D 238 27.69 15.26 -9.65
C LYS D 238 26.36 14.73 -10.16
N GLY D 239 25.69 15.44 -11.06
CA GLY D 239 24.39 15.01 -11.53
C GLY D 239 23.21 15.40 -10.66
N LEU D 240 23.35 16.41 -9.79
CA LEU D 240 22.30 16.80 -8.87
C LEU D 240 21.87 18.22 -9.15
N ALA D 241 20.59 18.53 -8.82
CA ALA D 241 20.07 19.90 -8.82
C ALA D 241 20.09 20.55 -10.20
N LYS D 242 19.81 19.77 -11.24
CA LYS D 242 19.91 20.26 -12.61
C LYS D 242 18.58 20.78 -13.16
N LYS D 243 17.46 20.37 -12.59
CA LYS D 243 16.18 20.82 -13.10
C LYS D 243 15.14 20.85 -11.98
N1 FMN E . -31.50 -27.18 -9.98
C2 FMN E . -32.81 -27.06 -10.41
O2 FMN E . -33.66 -27.86 -10.00
N3 FMN E . -33.17 -26.03 -11.29
C4 FMN E . -32.22 -25.13 -11.74
O4 FMN E . -32.54 -24.21 -12.52
C4A FMN E . -30.87 -25.28 -11.31
N5 FMN E . -29.88 -24.42 -11.73
C5A FMN E . -28.58 -24.51 -11.28
C6 FMN E . -27.61 -23.59 -11.69
C7 FMN E . -26.31 -23.73 -11.21
C7M FMN E . -25.23 -22.75 -11.64
C8 FMN E . -25.96 -24.74 -10.35
C8M FMN E . -24.53 -24.88 -9.87
C9 FMN E . -26.93 -25.68 -9.93
C9A FMN E . -28.24 -25.55 -10.40
N10 FMN E . -29.23 -26.44 -9.98
C10 FMN E . -30.54 -26.30 -10.42
C1' FMN E . -28.94 -27.55 -9.02
C2' FMN E . -28.35 -28.74 -9.77
O2' FMN E . -29.37 -29.42 -10.47
C3' FMN E . -27.67 -29.62 -8.72
O3' FMN E . -26.53 -28.98 -8.17
C4' FMN E . -27.33 -31.05 -9.12
O4' FMN E . -28.18 -31.55 -10.11
C5' FMN E . -27.93 -31.77 -7.98
O5' FMN E . -26.94 -32.18 -7.12
P FMN E . -26.97 -31.69 -5.59
O1P FMN E . -28.16 -32.20 -4.80
O2P FMN E . -25.76 -32.36 -5.01
O3P FMN E . -26.88 -30.17 -5.50
CL CL F . -28.86 -24.14 -15.49
N1 FMN G . -4.89 -11.97 -5.56
C2 FMN G . -3.59 -11.86 -6.00
O2 FMN G . -2.76 -11.45 -5.23
N3 FMN G . -3.21 -12.26 -7.28
C4 FMN G . -4.16 -12.76 -8.13
O4 FMN G . -3.79 -13.10 -9.29
C4A FMN G . -5.49 -12.83 -7.69
N5 FMN G . -6.51 -13.34 -8.49
C5A FMN G . -7.81 -13.46 -8.02
C6 FMN G . -8.79 -14.00 -8.82
C7 FMN G . -10.11 -14.13 -8.37
C7M FMN G . -11.17 -14.72 -9.29
C8 FMN G . -10.45 -13.71 -7.09
C8M FMN G . -11.90 -13.88 -6.63
C9 FMN G . -9.48 -13.18 -6.23
C9A FMN G . -8.17 -13.06 -6.69
N10 FMN G . -7.15 -12.54 -5.90
C10 FMN G . -5.84 -12.45 -6.39
C1' FMN G . -7.40 -12.11 -4.48
C2' FMN G . -8.05 -10.72 -4.37
O2' FMN G . -7.12 -9.68 -4.63
C3' FMN G . -8.67 -10.52 -2.96
O3' FMN G . -9.79 -11.36 -2.83
C4' FMN G . -9.22 -9.11 -2.74
O4' FMN G . -8.18 -8.17 -2.74
C5' FMN G . -9.96 -8.98 -1.40
O5' FMN G . -9.07 -9.31 -0.37
P FMN G . -9.46 -10.51 0.65
O1P FMN G . -10.75 -10.21 1.38
O2P FMN G . -8.34 -10.64 1.64
O3P FMN G . -9.67 -11.78 -0.16
CL CL H . -7.16 -17.57 3.43
N1 FMN I . 5.15 10.87 6.44
C2 FMN I . 3.86 10.99 5.93
O2 FMN I . 3.00 10.17 6.24
N3 FMN I . 3.54 12.04 5.12
C4 FMN I . 4.49 12.95 4.73
O4 FMN I . 4.14 13.89 3.99
C4A FMN I . 5.79 12.82 5.24
N5 FMN I . 6.77 13.72 4.94
C5A FMN I . 8.06 13.63 5.48
C6 FMN I . 9.02 14.58 5.15
C7 FMN I . 10.32 14.48 5.69
C7M FMN I . 11.36 15.51 5.37
C8 FMN I . 10.63 13.40 6.53
C8M FMN I . 12.01 13.21 7.14
C9 FMN I . 9.64 12.46 6.84
C9A FMN I . 8.36 12.56 6.31
N10 FMN I . 7.38 11.61 6.63
C10 FMN I . 6.10 11.76 6.10
C1' FMN I . 7.62 10.45 7.55
C2' FMN I . 8.37 9.33 6.84
O2' FMN I . 7.43 8.64 6.01
C3' FMN I . 8.99 8.37 7.86
O3' FMN I . 10.07 8.99 8.59
C4' FMN I . 9.46 7.05 7.25
O4' FMN I . 8.36 6.36 6.74
C5' FMN I . 10.13 6.19 8.31
O5' FMN I . 9.18 5.84 9.30
P FMN I . 9.40 6.25 10.88
O1P FMN I . 8.19 5.80 11.66
O2P FMN I . 10.64 5.61 11.40
O3P FMN I . 9.70 7.77 10.96
CL CL J . 7.90 14.22 1.18
N1 FMN K . 31.07 26.34 12.97
C2 FMN K . 32.40 26.49 12.64
O2 FMN K . 33.19 26.93 13.47
N3 FMN K . 32.83 26.14 11.38
C4 FMN K . 31.96 25.63 10.43
O4 FMN K . 32.41 25.31 9.31
C4A FMN K . 30.60 25.48 10.77
N5 FMN K . 29.64 24.99 9.88
C5A FMN K . 28.30 24.82 10.25
C6 FMN K . 27.35 24.30 9.35
C7 FMN K . 26.01 24.14 9.78
C7M FMN K . 24.96 23.55 8.88
C8 FMN K . 25.61 24.53 11.07
C8M FMN K . 24.16 24.36 11.50
C9 FMN K . 26.54 25.05 11.96
C9A FMN K . 27.90 25.19 11.54
N10 FMN K . 28.84 25.72 12.43
C10 FMN K . 30.18 25.84 12.04
C1' FMN K . 28.52 26.10 13.84
C2' FMN K . 27.82 27.46 13.91
O2' FMN K . 28.77 28.48 13.93
C3' FMN K . 27.20 27.50 15.29
O3' FMN K . 26.10 26.60 15.35
C4' FMN K . 26.82 28.88 15.78
O4' FMN K . 27.78 29.86 15.49
C5' FMN K . 27.26 28.65 17.19
O5' FMN K . 26.26 28.78 18.12
P FMN K . 26.15 27.46 18.99
O1P FMN K . 26.02 26.22 18.11
O2P FMN K . 27.39 27.31 19.87
O3P FMN K . 24.86 27.70 19.79
C1 GOL L . 29.32 20.25 25.41
O1 GOL L . 28.35 21.18 25.84
C2 GOL L . 29.12 18.96 26.19
O2 GOL L . 29.29 19.23 27.57
C3 GOL L . 27.72 18.40 25.91
O3 GOL L . 27.47 17.26 26.70
CL CL M . 44.20 15.03 26.69
#